data_7VDP
#
_entry.id   7VDP
#
_cell.length_a   118.370
_cell.length_b   118.370
_cell.length_c   155.370
_cell.angle_alpha   90.000
_cell.angle_beta   90.000
_cell.angle_gamma   120.000
#
_symmetry.space_group_name_H-M   'P 32 2 1'
#
loop_
_entity.id
_entity.type
_entity.pdbx_description
1 polymer 'Cyclin-dependent-like kinase 5'
2 polymer 'Cyclin-dependent kinase 5 activator 1, p25'
3 non-polymer [1-[3-fluoranyl-4-[(2-piperidin-4-yloxy-1,6-naphthyridin-7-yl)amino]phenyl]pyrazol-3-yl]methanol
4 non-polymer 1,2-ETHANEDIOL
5 non-polymer DI(HYDROXYETHYL)ETHER
6 non-polymer 'CHLORIDE ION'
7 non-polymer GLYCEROL
8 water water
#
loop_
_entity_poly.entity_id
_entity_poly.type
_entity_poly.pdbx_seq_one_letter_code
_entity_poly.pdbx_strand_id
1 'polypeptide(L)'
;SQKYEKLEKIGEGTYGTVFKAKNRETHEIVALKRVRLDDDDEGVPSSALREICLLKELKHKNIVRLHDVLHSDKKLTLVF
EFCDQDLKKYFDSCNGDLDPEIVKSFLFQLLKGLGFCHSRNVLHRDLKPQNLLINRNGELKLADFGLARAFGIPVRCYSA
EVVTLWYRPPDVLFGAKLYSTSIDMWSAGCIFAELANAGRPLFPGNDVDDQLKRIFRLLGTPTEEQWPSMTKLPDYKPYP
MYPATTSLVNVVPKLNATGRDLLQNLLKCNPVQRISAEEALQHPYFSDFCPP
;
A,B
2 'polypeptide(L)'
;MQPPPAQPPAPPASQLSGSQTGGSSSVKKAPHPAVTSAGTPKRVIVQASTSELLRCLGEFLCRRCYRLKHLSPTDPVLWL
RSVDRSLLLQGWQDQGFITPANVVFLYMLCRDVISSEVGSDHELQAVLLTCLYLSYSYMGNEISYPLKPFLVESCKEAFW
DRCLSVINLMSSKMLQINADPHYFTQVFSDLKNESGQEDKKRLLLGLDR
;
C,D
#
# COMPACT_ATOMS: atom_id res chain seq x y z
N GLN A 2 -21.91 -8.03 3.44
CA GLN A 2 -23.33 -8.43 3.19
C GLN A 2 -23.97 -7.43 2.22
N LYS A 3 -23.84 -6.13 2.51
CA LYS A 3 -24.44 -5.03 1.70
C LYS A 3 -23.63 -4.81 0.41
N TYR A 4 -22.33 -5.18 0.40
CA TYR A 4 -21.40 -4.89 -0.73
C TYR A 4 -20.70 -6.19 -1.16
N GLU A 5 -20.62 -6.41 -2.48
CA GLU A 5 -19.80 -7.46 -3.15
C GLU A 5 -18.48 -6.85 -3.65
N LYS A 6 -17.33 -7.34 -3.16
CA LYS A 6 -15.99 -6.93 -3.65
C LYS A 6 -15.79 -7.42 -5.09
N LEU A 7 -15.26 -6.57 -5.97
CA LEU A 7 -14.99 -6.88 -7.40
C LEU A 7 -13.49 -7.11 -7.60
N GLU A 8 -12.63 -6.35 -6.92
CA GLU A 8 -11.16 -6.49 -6.97
C GLU A 8 -10.51 -5.49 -6.00
N LYS A 9 -9.28 -5.80 -5.56
CA LYS A 9 -8.45 -4.92 -4.71
C LYS A 9 -7.89 -3.80 -5.58
N ILE A 10 -8.01 -2.55 -5.14
CA ILE A 10 -7.44 -1.36 -5.83
C ILE A 10 -6.00 -1.17 -5.35
N GLY A 11 -5.79 -1.25 -4.04
CA GLY A 11 -4.46 -1.23 -3.39
C GLY A 11 -4.58 -1.43 -1.89
N GLU A 12 -3.65 -0.86 -1.12
CA GLU A 12 -3.82 -0.62 0.34
C GLU A 12 -3.61 0.88 0.62
N GLY A 16 -5.43 0.84 5.93
CA GLY A 16 -6.56 0.06 5.36
C GLY A 16 -6.29 -0.36 3.92
N THR A 17 -7.05 -1.35 3.44
CA THR A 17 -7.05 -1.84 2.04
C THR A 17 -8.32 -1.37 1.32
N VAL A 18 -8.16 -0.97 0.05
CA VAL A 18 -9.22 -0.35 -0.78
C VAL A 18 -9.67 -1.37 -1.84
N PHE A 19 -10.99 -1.53 -2.00
CA PHE A 19 -11.61 -2.48 -2.97
C PHE A 19 -12.62 -1.74 -3.84
N LYS A 20 -12.63 -2.04 -5.14
CA LYS A 20 -13.80 -1.79 -6.02
C LYS A 20 -14.88 -2.78 -5.58
N ALA A 21 -16.10 -2.28 -5.40
CA ALA A 21 -17.23 -3.06 -4.89
C ALA A 21 -18.53 -2.62 -5.59
N LYS A 22 -19.54 -3.48 -5.48
CA LYS A 22 -20.91 -3.23 -5.99
C LYS A 22 -21.86 -3.27 -4.78
N ASN A 23 -22.73 -2.26 -4.66
CA ASN A 23 -23.87 -2.26 -3.71
C ASN A 23 -24.82 -3.40 -4.13
N ARG A 24 -25.05 -4.36 -3.23
CA ARG A 24 -25.85 -5.58 -3.53
C ARG A 24 -27.30 -5.19 -3.84
N GLU A 25 -27.80 -4.09 -3.25
CA GLU A 25 -29.22 -3.68 -3.38
C GLU A 25 -29.44 -2.88 -4.68
N THR A 26 -28.66 -1.82 -4.89
CA THR A 26 -28.82 -0.79 -5.96
C THR A 26 -28.07 -1.24 -7.27
N HIS A 27 -26.94 -1.99 -7.04
CA HIS A 27 -25.91 -2.41 -8.04
C HIS A 27 -24.96 -1.27 -8.47
N GLU A 28 -24.95 -0.12 -7.78
CA GLU A 28 -23.94 0.95 -8.06
C GLU A 28 -22.54 0.46 -7.68
N ILE A 29 -21.53 0.88 -8.46
CA ILE A 29 -20.07 0.68 -8.24
C ILE A 29 -19.53 1.74 -7.27
N VAL A 30 -18.81 1.31 -6.23
CA VAL A 30 -18.22 2.20 -5.19
C VAL A 30 -16.77 1.75 -4.91
N ALA A 31 -16.06 2.53 -4.09
CA ALA A 31 -14.76 2.14 -3.50
C ALA A 31 -14.96 1.95 -2.00
N LEU A 32 -14.52 0.82 -1.48
CA LEU A 32 -14.60 0.44 -0.05
C LEU A 32 -13.19 0.53 0.54
N LYS A 33 -13.01 1.32 1.59
CA LYS A 33 -11.78 1.28 2.41
C LYS A 33 -12.09 0.54 3.70
N ARG A 34 -11.48 -0.62 3.88
CA ARG A 34 -11.67 -1.47 5.08
C ARG A 34 -10.57 -1.11 6.07
N VAL A 35 -10.96 -0.85 7.32
CA VAL A 35 -10.03 -0.45 8.41
C VAL A 35 -10.25 -1.43 9.57
N ARG A 36 -9.21 -2.19 9.91
CA ARG A 36 -9.23 -3.17 11.02
C ARG A 36 -9.23 -2.43 12.36
N LEU A 37 -10.06 -2.86 13.30
CA LEU A 37 -10.26 -2.17 14.60
C LEU A 37 -9.57 -2.94 15.74
N ASP A 38 -9.17 -4.19 15.52
CA ASP A 38 -8.49 -5.04 16.54
C ASP A 38 -6.97 -4.90 16.34
N ASP A 39 -6.44 -3.73 16.69
CA ASP A 39 -5.15 -3.18 16.19
C ASP A 39 -3.99 -4.11 16.55
N ASP A 40 -3.23 -4.53 15.52
CA ASP A 40 -1.88 -5.14 15.64
C ASP A 40 -0.88 -3.99 15.87
N ASP A 41 -0.72 -3.12 14.86
CA ASP A 41 -0.10 -1.77 14.98
C ASP A 41 -1.19 -0.79 15.44
N GLU A 42 -1.24 -0.53 16.74
CA GLU A 42 -2.17 0.47 17.36
C GLU A 42 -2.16 1.75 16.53
N GLY A 43 -3.29 2.44 16.44
CA GLY A 43 -3.35 3.82 15.92
C GLY A 43 -4.26 3.97 14.71
N VAL A 44 -4.36 2.96 13.84
CA VAL A 44 -4.99 3.12 12.48
C VAL A 44 -6.39 3.71 12.62
N PRO A 45 -7.25 3.16 13.51
CA PRO A 45 -8.62 3.65 13.63
C PRO A 45 -8.71 5.17 13.87
N SER A 46 -7.78 5.72 14.66
CA SER A 46 -7.72 7.15 15.07
C SER A 46 -7.74 8.02 13.81
N SER A 47 -6.88 7.72 12.83
CA SER A 47 -6.76 8.50 11.59
C SER A 47 -8.04 8.35 10.74
N ALA A 48 -8.63 7.15 10.73
CA ALA A 48 -9.88 6.88 9.98
C ALA A 48 -11.03 7.71 10.57
N LEU A 49 -11.10 7.85 11.89
CA LEU A 49 -12.20 8.60 12.55
C LEU A 49 -12.04 10.09 12.24
N ARG A 50 -10.82 10.60 12.18
CA ARG A 50 -10.56 12.00 11.80
C ARG A 50 -10.97 12.20 10.33
N GLU A 51 -10.60 11.29 9.44
CA GLU A 51 -10.94 11.39 8.01
C GLU A 51 -12.48 11.43 7.86
N ILE A 52 -13.20 10.58 8.58
CA ILE A 52 -14.69 10.51 8.53
C ILE A 52 -15.26 11.87 8.97
N CYS A 53 -14.79 12.40 10.11
CA CYS A 53 -15.27 13.68 10.67
C CYS A 53 -15.09 14.83 9.68
N LEU A 54 -13.95 14.89 8.98
CA LEU A 54 -13.64 15.97 8.02
C LEU A 54 -14.45 15.78 6.73
N LEU A 55 -14.49 14.57 6.17
CA LEU A 55 -15.17 14.34 4.86
C LEU A 55 -16.68 14.48 4.98
N LYS A 56 -17.27 14.17 6.13
CA LYS A 56 -18.70 14.49 6.42
C LYS A 56 -18.98 15.97 6.15
N GLU A 57 -17.99 16.85 6.31
CA GLU A 57 -18.18 18.32 6.24
C GLU A 57 -17.54 18.90 4.97
N LEU A 58 -17.11 18.07 4.02
CA LEU A 58 -16.41 18.51 2.79
C LEU A 58 -17.05 17.87 1.56
N LYS A 59 -18.18 18.44 1.12
CA LYS A 59 -18.99 17.93 -0.01
C LYS A 59 -18.76 18.89 -1.18
N HIS A 60 -17.90 18.47 -2.11
CA HIS A 60 -17.48 19.25 -3.29
C HIS A 60 -17.12 18.27 -4.41
N LYS A 61 -17.43 18.62 -5.66
CA LYS A 61 -17.20 17.70 -6.81
C LYS A 61 -15.71 17.42 -7.01
N ASN A 62 -14.79 18.19 -6.43
CA ASN A 62 -13.31 17.96 -6.56
C ASN A 62 -12.70 17.48 -5.24
N ILE A 63 -13.53 16.94 -4.35
CA ILE A 63 -13.08 16.23 -3.11
C ILE A 63 -13.75 14.85 -3.10
N VAL A 64 -12.98 13.78 -2.90
CA VAL A 64 -13.54 12.39 -2.94
C VAL A 64 -14.75 12.37 -1.99
N ARG A 65 -15.88 11.82 -2.43
CA ARG A 65 -17.15 11.81 -1.67
C ARG A 65 -17.23 10.54 -0.79
N LEU A 66 -17.30 10.73 0.53
CA LEU A 66 -17.67 9.68 1.50
C LEU A 66 -19.20 9.57 1.52
N HIS A 67 -19.74 8.45 1.06
CA HIS A 67 -21.20 8.17 0.97
C HIS A 67 -21.73 7.66 2.32
N ASP A 68 -20.93 6.84 3.02
CA ASP A 68 -21.41 6.07 4.19
C ASP A 68 -20.21 5.50 4.96
N VAL A 69 -20.46 5.10 6.20
CA VAL A 69 -19.51 4.33 7.06
C VAL A 69 -20.27 3.15 7.66
N LEU A 70 -19.74 1.95 7.51
CA LEU A 70 -20.33 0.71 8.09
C LEU A 70 -19.41 0.18 9.18
N HIS A 71 -19.98 -0.37 10.22
CA HIS A 71 -19.29 -1.09 11.31
C HIS A 71 -19.85 -2.51 11.36
N SER A 72 -19.08 -3.48 10.86
CA SER A 72 -19.40 -4.93 10.89
C SER A 72 -18.10 -5.72 11.06
N ASP A 73 -18.20 -6.90 11.66
CA ASP A 73 -17.02 -7.71 12.06
C ASP A 73 -16.18 -6.82 12.98
N LYS A 74 -14.85 -6.96 12.90
CA LYS A 74 -13.89 -6.12 13.66
C LYS A 74 -13.36 -5.06 12.70
N LYS A 75 -14.22 -4.52 11.83
CA LYS A 75 -13.76 -3.55 10.82
C LYS A 75 -14.76 -2.42 10.65
N LEU A 76 -14.18 -1.29 10.28
CA LEU A 76 -14.82 -0.07 9.78
C LEU A 76 -14.74 -0.13 8.25
N THR A 77 -15.86 0.09 7.56
CA THR A 77 -15.85 0.25 6.08
C THR A 77 -16.23 1.68 5.70
N LEU A 78 -15.30 2.42 5.10
CA LEU A 78 -15.58 3.73 4.47
C LEU A 78 -16.03 3.50 3.03
N VAL A 79 -17.26 3.91 2.71
CA VAL A 79 -17.86 3.78 1.36
C VAL A 79 -17.66 5.11 0.63
N PHE A 80 -16.81 5.10 -0.40
CA PHE A 80 -16.48 6.25 -1.24
C PHE A 80 -17.08 6.07 -2.64
N GLU A 81 -17.22 7.18 -3.36
CA GLU A 81 -17.39 7.16 -4.83
C GLU A 81 -16.18 6.41 -5.41
N PHE A 82 -16.39 5.69 -6.52
CA PHE A 82 -15.31 4.99 -7.24
C PHE A 82 -14.72 5.93 -8.29
N CYS A 83 -13.39 6.00 -8.37
CA CYS A 83 -12.64 6.71 -9.42
C CYS A 83 -11.83 5.68 -10.24
N ASP A 84 -11.52 5.99 -11.49
CA ASP A 84 -10.87 5.06 -12.43
C ASP A 84 -9.40 4.82 -12.03
N GLN A 85 -8.68 5.85 -11.59
CA GLN A 85 -7.24 5.69 -11.26
C GLN A 85 -6.79 6.86 -10.38
N ASP A 86 -5.48 6.92 -10.11
CA ASP A 86 -4.85 8.07 -9.42
C ASP A 86 -3.88 8.70 -10.42
N LEU A 87 -3.31 9.87 -10.09
CA LEU A 87 -2.46 10.64 -11.02
C LEU A 87 -1.15 9.86 -11.25
N LYS A 88 -0.67 9.08 -10.28
CA LYS A 88 0.56 8.24 -10.43
C LYS A 88 0.36 7.27 -11.59
N LYS A 89 -0.76 6.54 -11.60
CA LYS A 89 -1.06 5.56 -12.66
C LYS A 89 -1.28 6.29 -13.98
N TYR A 90 -2.01 7.41 -13.97
CA TYR A 90 -2.25 8.28 -15.13
C TYR A 90 -0.91 8.65 -15.80
N PHE A 91 0.09 9.12 -15.02
CA PHE A 91 1.43 9.45 -15.56
C PHE A 91 2.03 8.21 -16.24
N ASP A 92 1.94 7.03 -15.59
CA ASP A 92 2.51 5.78 -16.15
C ASP A 92 1.78 5.41 -17.44
N SER A 93 0.48 5.72 -17.58
CA SER A 93 -0.37 5.29 -18.72
C SER A 93 -0.11 6.17 -19.94
N CYS A 94 0.37 7.41 -19.77
CA CYS A 94 0.57 8.34 -20.92
C CYS A 94 2.03 8.77 -21.04
N ASN A 95 2.97 7.96 -20.54
CA ASN A 95 4.42 8.22 -20.72
C ASN A 95 4.79 9.55 -20.04
N GLY A 96 4.06 9.92 -18.99
CA GLY A 96 4.19 11.21 -18.27
C GLY A 96 3.92 12.44 -19.13
N ASP A 97 3.32 12.28 -20.31
CA ASP A 97 3.16 13.34 -21.35
C ASP A 97 1.69 13.81 -21.40
N LEU A 98 1.37 14.93 -20.74
CA LEU A 98 0.01 15.53 -20.73
C LEU A 98 -0.10 16.63 -21.80
N ASP A 99 -1.22 16.68 -22.52
CA ASP A 99 -1.63 17.86 -23.33
C ASP A 99 -1.72 19.08 -22.40
N PRO A 100 -1.24 20.27 -22.84
CA PRO A 100 -1.34 21.49 -22.03
C PRO A 100 -2.74 21.79 -21.47
N GLU A 101 -3.81 21.42 -22.18
CA GLU A 101 -5.21 21.68 -21.69
C GLU A 101 -5.57 20.71 -20.56
N ILE A 102 -4.99 19.51 -20.55
CA ILE A 102 -5.20 18.55 -19.42
C ILE A 102 -4.41 19.04 -18.20
N VAL A 103 -3.20 19.57 -18.42
CA VAL A 103 -2.40 20.19 -17.34
C VAL A 103 -3.28 21.22 -16.63
N LYS A 104 -3.88 22.11 -17.42
CA LYS A 104 -4.66 23.28 -16.93
C LYS A 104 -5.92 22.78 -16.23
N SER A 105 -6.63 21.83 -16.84
CA SER A 105 -7.85 21.24 -16.26
C SER A 105 -7.56 20.58 -14.90
N PHE A 106 -6.49 19.77 -14.82
CA PHE A 106 -6.14 19.06 -13.56
C PHE A 106 -5.76 20.07 -12.48
N LEU A 107 -4.94 21.08 -12.77
CA LEU A 107 -4.57 22.09 -11.74
C LEU A 107 -5.84 22.86 -11.32
N PHE A 108 -6.68 23.25 -12.27
CA PHE A 108 -7.95 24.01 -12.01
C PHE A 108 -8.79 23.24 -10.98
N GLN A 109 -9.00 21.95 -11.22
CA GLN A 109 -9.85 21.11 -10.36
C GLN A 109 -9.18 20.93 -8.99
N LEU A 110 -7.86 20.71 -8.95
CA LEU A 110 -7.12 20.58 -7.67
C LEU A 110 -7.31 21.86 -6.84
N LEU A 111 -7.16 23.03 -7.46
CA LEU A 111 -7.31 24.34 -6.77
C LEU A 111 -8.75 24.53 -6.30
N LYS A 112 -9.75 24.13 -7.09
CA LYS A 112 -11.18 24.23 -6.64
C LYS A 112 -11.39 23.39 -5.38
N GLY A 113 -10.89 22.14 -5.37
CA GLY A 113 -11.04 21.24 -4.21
C GLY A 113 -10.29 21.78 -3.00
N LEU A 114 -9.08 22.27 -3.24
CA LEU A 114 -8.21 22.84 -2.19
C LEU A 114 -8.82 24.13 -1.64
N GLY A 115 -9.25 25.03 -2.53
CA GLY A 115 -9.96 26.27 -2.17
C GLY A 115 -11.16 26.01 -1.28
N PHE A 116 -11.94 24.99 -1.61
CA PHE A 116 -13.11 24.58 -0.80
C PHE A 116 -12.64 24.11 0.61
N CYS A 117 -11.63 23.24 0.70
CA CYS A 117 -11.05 22.78 1.99
C CYS A 117 -10.61 23.97 2.84
N HIS A 118 -9.84 24.88 2.26
CA HIS A 118 -9.27 26.04 2.99
C HIS A 118 -10.39 26.95 3.49
N SER A 119 -11.43 27.17 2.68
CA SER A 119 -12.59 28.03 3.03
C SER A 119 -13.36 27.37 4.18
N ARG A 120 -13.23 26.06 4.37
CA ARG A 120 -13.94 25.28 5.43
C ARG A 120 -13.02 25.08 6.65
N ASN A 121 -11.85 25.72 6.68
CA ASN A 121 -10.85 25.66 7.77
C ASN A 121 -10.29 24.24 7.91
N VAL A 122 -9.96 23.61 6.78
CA VAL A 122 -9.29 22.29 6.75
C VAL A 122 -7.98 22.38 5.96
N LEU A 123 -6.90 21.92 6.57
CA LEU A 123 -5.60 21.67 5.88
C LEU A 123 -5.58 20.21 5.44
N HIS A 124 -5.18 19.94 4.19
CA HIS A 124 -5.04 18.56 3.66
C HIS A 124 -3.74 17.93 4.17
N ARG A 125 -2.60 18.59 3.92
CA ARG A 125 -1.26 18.25 4.46
C ARG A 125 -0.65 16.98 3.84
N ASP A 126 -1.23 16.40 2.79
CA ASP A 126 -0.69 15.15 2.18
C ASP A 126 -0.93 15.15 0.66
N LEU A 127 -0.92 16.32 0.01
CA LEU A 127 -1.06 16.41 -1.47
C LEU A 127 0.11 15.69 -2.11
N LYS A 128 -0.18 14.73 -2.97
CA LYS A 128 0.81 14.02 -3.80
C LYS A 128 0.01 13.27 -4.85
N PRO A 129 0.63 12.86 -5.98
CA PRO A 129 -0.11 12.25 -7.08
C PRO A 129 -0.98 11.04 -6.70
N GLN A 130 -0.52 10.21 -5.76
CA GLN A 130 -1.28 9.02 -5.27
C GLN A 130 -2.62 9.45 -4.65
N ASN A 131 -2.71 10.68 -4.12
CA ASN A 131 -3.91 11.20 -3.42
C ASN A 131 -4.77 12.03 -4.36
N LEU A 132 -4.45 12.07 -5.66
CA LEU A 132 -5.29 12.76 -6.67
C LEU A 132 -5.93 11.69 -7.55
N LEU A 133 -7.25 11.52 -7.42
CA LEU A 133 -8.02 10.50 -8.17
C LEU A 133 -8.48 11.10 -9.49
N ILE A 134 -8.39 10.33 -10.56
CA ILE A 134 -8.67 10.75 -11.97
C ILE A 134 -9.72 9.82 -12.59
N ASN A 135 -10.77 10.39 -13.18
CA ASN A 135 -11.79 9.63 -13.95
C ASN A 135 -11.51 9.79 -15.45
N ARG A 136 -11.99 8.83 -16.26
CA ARG A 136 -11.84 8.81 -17.74
C ARG A 136 -12.49 10.05 -18.37
N ASN A 137 -13.55 10.59 -17.75
CA ASN A 137 -14.20 11.82 -18.25
C ASN A 137 -13.36 13.06 -17.90
N GLY A 138 -12.21 12.93 -17.24
CA GLY A 138 -11.29 14.06 -16.97
C GLY A 138 -11.51 14.72 -15.62
N GLU A 139 -12.40 14.18 -14.78
CA GLU A 139 -12.61 14.70 -13.40
C GLU A 139 -11.38 14.37 -12.54
N LEU A 140 -11.04 15.30 -11.63
CA LEU A 140 -9.99 15.09 -10.61
C LEU A 140 -10.59 15.33 -9.23
N LYS A 141 -10.30 14.44 -8.29
CA LYS A 141 -10.75 14.59 -6.89
C LYS A 141 -9.53 14.44 -5.97
N LEU A 142 -9.47 15.35 -5.00
CA LEU A 142 -8.52 15.28 -3.85
C LEU A 142 -9.01 14.20 -2.89
N ALA A 143 -8.15 13.26 -2.53
CA ALA A 143 -8.48 12.10 -1.68
C ALA A 143 -7.49 12.00 -0.50
N ASP A 144 -7.82 11.13 0.43
CA ASP A 144 -6.98 10.73 1.58
C ASP A 144 -6.81 11.90 2.55
N PHE A 145 -7.75 12.04 3.47
CA PHE A 145 -7.76 13.09 4.52
C PHE A 145 -7.27 12.51 5.83
N GLY A 146 -6.50 11.42 5.75
CA GLY A 146 -5.90 10.73 6.90
C GLY A 146 -4.90 11.60 7.65
N LEU A 147 -4.28 12.60 7.00
CA LEU A 147 -3.30 13.50 7.67
C LEU A 147 -3.86 14.92 7.77
N ALA A 148 -5.11 15.12 7.33
CA ALA A 148 -5.79 16.43 7.31
C ALA A 148 -6.12 16.87 8.73
N ARG A 149 -6.28 18.18 8.96
CA ARG A 149 -6.79 18.68 10.25
C ARG A 149 -7.59 19.97 10.06
N ALA A 150 -8.60 20.14 10.91
CA ALA A 150 -9.28 21.42 11.17
C ALA A 150 -8.27 22.37 11.80
N PHE A 151 -8.31 23.65 11.44
CA PHE A 151 -7.48 24.70 12.07
C PHE A 151 -8.39 25.86 12.46
N GLY A 152 -7.92 26.66 13.41
CA GLY A 152 -8.54 27.92 13.84
C GLY A 152 -8.37 28.18 15.31
N ILE A 153 -8.41 27.13 16.14
CA ILE A 153 -8.13 27.25 17.60
C ILE A 153 -6.64 27.54 17.73
N PRO A 154 -6.20 28.68 18.32
CA PRO A 154 -4.77 28.93 18.49
C PRO A 154 -4.13 27.82 19.34
N VAL A 155 -2.95 27.35 18.93
CA VAL A 155 -2.21 26.22 19.57
C VAL A 155 -0.70 26.53 19.49
N ARG A 156 0.10 25.95 20.41
CA ARG A 156 1.58 26.10 20.46
C ARG A 156 2.17 25.76 19.08
N CYS A 157 1.85 24.57 18.57
CA CYS A 157 2.41 24.01 17.32
C CYS A 157 1.43 23.00 16.71
N TYR A 158 1.59 22.73 15.41
CA TYR A 158 1.13 21.48 14.75
C TYR A 158 2.32 20.53 14.66
N SER A 159 2.13 19.31 14.15
CA SER A 159 3.24 18.39 13.84
C SER A 159 4.02 18.92 12.62
N ALA A 160 5.36 18.88 12.71
CA ALA A 160 6.28 19.20 11.61
C ALA A 160 6.47 17.94 10.75
N GLU A 161 5.96 16.78 11.20
CA GLU A 161 6.04 15.50 10.44
C GLU A 161 4.81 15.41 9.53
N VAL A 162 4.65 16.37 8.63
CA VAL A 162 3.51 16.40 7.69
C VAL A 162 4.02 16.71 6.30
N VAL A 163 3.32 16.11 5.32
CA VAL A 163 3.73 16.06 3.89
C VAL A 163 4.94 15.13 3.78
N THR A 164 4.89 14.17 2.85
CA THR A 164 6.07 13.38 2.41
C THR A 164 7.16 14.36 1.92
N LEU A 165 8.42 14.02 2.16
CA LEU A 165 9.58 14.94 2.03
C LEU A 165 9.51 15.76 0.73
N TRP A 166 9.23 15.11 -0.40
CA TRP A 166 9.34 15.75 -1.74
C TRP A 166 8.33 16.88 -1.93
N TYR A 167 7.24 16.91 -1.16
CA TYR A 167 6.14 17.91 -1.28
C TYR A 167 6.12 18.90 -0.10
N ARG A 168 7.11 18.85 0.77
CA ARG A 168 7.15 19.65 2.01
C ARG A 168 7.80 21.02 1.75
N PRO A 169 7.15 22.13 2.17
CA PRO A 169 7.68 23.46 1.91
C PRO A 169 8.87 23.83 2.79
N PRO A 170 9.69 24.80 2.36
CA PRO A 170 10.90 25.20 3.08
C PRO A 170 10.67 25.61 4.55
N ASP A 171 9.57 26.29 4.87
CA ASP A 171 9.27 26.72 6.27
C ASP A 171 9.15 25.45 7.15
N VAL A 172 8.48 24.40 6.66
CA VAL A 172 8.29 23.13 7.41
C VAL A 172 9.63 22.37 7.46
N LEU A 173 10.41 22.37 6.38
CA LEU A 173 11.75 21.75 6.35
C LEU A 173 12.66 22.46 7.39
N PHE A 174 12.47 23.76 7.61
CA PHE A 174 13.24 24.52 8.64
C PHE A 174 12.56 24.38 10.02
N GLY A 175 11.58 23.49 10.17
CA GLY A 175 10.98 23.11 11.46
C GLY A 175 9.97 24.11 12.03
N ALA A 176 9.34 24.94 11.19
CA ALA A 176 8.29 25.90 11.63
C ALA A 176 7.23 25.15 12.46
N LYS A 177 6.90 25.68 13.64
CA LYS A 177 5.91 25.10 14.59
C LYS A 177 4.48 25.17 14.00
N LEU A 178 4.14 26.34 13.45
CA LEU A 178 2.82 26.67 12.87
C LEU A 178 2.96 26.90 11.38
N TYR A 179 1.91 26.52 10.66
CA TYR A 179 1.74 26.86 9.22
C TYR A 179 0.24 27.01 9.02
N SER A 180 -0.09 27.62 7.89
CA SER A 180 -1.46 27.93 7.43
C SER A 180 -1.76 27.04 6.21
N THR A 181 -2.78 27.44 5.47
CA THR A 181 -3.21 26.88 4.16
C THR A 181 -2.02 26.90 3.19
N SER A 182 -1.03 27.75 3.42
CA SER A 182 0.19 27.86 2.59
C SER A 182 0.86 26.49 2.42
N ILE A 183 0.75 25.57 3.39
CA ILE A 183 1.43 24.25 3.30
C ILE A 183 0.94 23.52 2.03
N ASP A 184 -0.37 23.51 1.77
CA ASP A 184 -0.97 22.80 0.62
C ASP A 184 -0.66 23.52 -0.70
N MET A 185 -0.47 24.84 -0.69
CA MET A 185 -0.22 25.62 -1.94
C MET A 185 1.19 25.29 -2.47
N TRP A 186 2.15 25.07 -1.59
CA TRP A 186 3.49 24.60 -2.00
C TRP A 186 3.36 23.23 -2.70
N SER A 187 2.70 22.27 -2.07
CA SER A 187 2.48 20.91 -2.62
C SER A 187 1.78 21.04 -3.99
N ALA A 188 0.80 21.94 -4.12
CA ALA A 188 0.07 22.16 -5.39
C ALA A 188 1.06 22.61 -6.48
N GLY A 189 1.98 23.52 -6.13
CA GLY A 189 3.07 23.97 -7.02
C GLY A 189 3.95 22.81 -7.46
N CYS A 190 4.32 21.91 -6.53
CA CYS A 190 5.16 20.73 -6.83
C CYS A 190 4.44 19.84 -7.85
N ILE A 191 3.14 19.64 -7.68
CA ILE A 191 2.31 18.77 -8.57
C ILE A 191 2.15 19.44 -9.95
N PHE A 192 1.90 20.75 -9.99
CA PHE A 192 1.87 21.55 -11.25
C PHE A 192 3.13 21.29 -12.08
N ALA A 193 4.31 21.35 -11.46
CA ALA A 193 5.60 21.10 -12.12
C ALA A 193 5.63 19.70 -12.74
N GLU A 194 5.05 18.68 -12.08
CA GLU A 194 4.98 17.28 -12.57
C GLU A 194 4.06 17.21 -13.79
N LEU A 195 2.87 17.79 -13.68
CA LEU A 195 1.87 17.85 -14.78
C LEU A 195 2.54 18.45 -16.01
N ALA A 196 3.33 19.52 -15.83
CA ALA A 196 3.82 20.41 -16.92
C ALA A 196 5.17 19.94 -17.46
N ASN A 197 5.69 18.81 -16.99
CA ASN A 197 6.96 18.25 -17.52
C ASN A 197 6.71 16.79 -17.95
N ALA A 198 7.14 15.82 -17.17
CA ALA A 198 7.05 14.39 -17.56
C ALA A 198 6.59 13.54 -16.37
N GLY A 199 5.81 14.14 -15.44
CA GLY A 199 5.20 13.42 -14.31
C GLY A 199 6.22 12.98 -13.28
N ARG A 200 7.41 13.61 -13.25
CA ARG A 200 8.47 13.25 -12.28
C ARG A 200 8.55 14.37 -11.23
N PRO A 201 8.75 13.99 -9.94
CA PRO A 201 8.89 14.96 -8.85
C PRO A 201 9.96 16.01 -9.14
N LEU A 202 9.62 17.26 -8.93
CA LEU A 202 10.51 18.42 -9.18
C LEU A 202 11.68 18.37 -8.20
N PHE A 203 11.44 18.04 -6.93
CA PHE A 203 12.44 18.15 -5.82
C PHE A 203 12.55 16.81 -5.09
N PRO A 204 13.19 15.78 -5.69
CA PRO A 204 13.28 14.46 -5.07
C PRO A 204 14.47 14.34 -4.10
N GLY A 205 14.43 15.04 -2.96
CA GLY A 205 15.53 14.98 -1.99
C GLY A 205 15.63 13.63 -1.28
N ASN A 206 16.81 13.30 -0.79
CA ASN A 206 17.09 12.06 -0.02
C ASN A 206 16.84 12.29 1.47
N ASP A 207 16.87 13.55 1.92
CA ASP A 207 16.70 13.94 3.34
C ASP A 207 16.41 15.45 3.39
N VAL A 208 16.25 16.01 4.59
CA VAL A 208 15.80 17.42 4.78
C VAL A 208 16.85 18.37 4.16
N ASP A 209 18.13 18.11 4.40
CA ASP A 209 19.24 18.96 3.88
C ASP A 209 19.23 18.96 2.35
N ASP A 210 19.12 17.79 1.73
CA ASP A 210 19.13 17.63 0.25
C ASP A 210 17.88 18.29 -0.32
N GLN A 211 16.76 18.18 0.37
CA GLN A 211 15.46 18.75 -0.08
C GLN A 211 15.62 20.27 -0.19
N LEU A 212 16.12 20.91 0.85
CA LEU A 212 16.30 22.39 0.86
C LEU A 212 17.28 22.83 -0.23
N LYS A 213 18.37 22.10 -0.43
CA LYS A 213 19.38 22.42 -1.48
C LYS A 213 18.72 22.35 -2.86
N ARG A 214 17.90 21.32 -3.11
CA ARG A 214 17.27 21.16 -4.45
C ARG A 214 16.32 22.32 -4.73
N ILE A 215 15.56 22.76 -3.72
CA ILE A 215 14.59 23.89 -3.82
C ILE A 215 15.36 25.19 -4.09
N PHE A 216 16.35 25.50 -3.26
CA PHE A 216 17.11 26.78 -3.33
C PHE A 216 17.96 26.83 -4.62
N ARG A 217 18.47 25.68 -5.06
CA ARG A 217 19.27 25.54 -6.30
C ARG A 217 18.42 25.98 -7.51
N LEU A 218 17.14 25.62 -7.55
CA LEU A 218 16.24 26.02 -8.68
C LEU A 218 15.73 27.46 -8.48
N LEU A 219 15.19 27.78 -7.31
CA LEU A 219 14.40 29.02 -7.09
C LEU A 219 15.28 30.17 -6.62
N GLY A 220 16.49 29.89 -6.15
CA GLY A 220 17.31 30.89 -5.46
C GLY A 220 17.13 30.82 -3.96
N THR A 221 18.17 31.12 -3.20
CA THR A 221 18.10 31.09 -1.72
C THR A 221 17.40 32.37 -1.27
N PRO A 222 16.31 32.30 -0.47
CA PRO A 222 15.62 33.49 0.00
C PRO A 222 16.56 34.39 0.79
N THR A 223 16.50 35.70 0.53
CA THR A 223 17.27 36.74 1.26
C THR A 223 16.51 37.15 2.52
N GLU A 224 17.19 37.85 3.42
CA GLU A 224 16.64 38.43 4.66
C GLU A 224 15.48 39.37 4.26
N GLU A 225 15.63 40.12 3.18
CA GLU A 225 14.57 41.03 2.65
C GLU A 225 13.32 40.20 2.28
N GLN A 226 13.49 39.12 1.53
CA GLN A 226 12.36 38.29 1.05
C GLN A 226 11.69 37.53 2.21
N TRP A 227 12.47 37.11 3.23
CA TRP A 227 11.97 36.20 4.29
C TRP A 227 12.67 36.49 5.61
N PRO A 228 12.31 37.61 6.28
CA PRO A 228 13.04 38.08 7.46
C PRO A 228 13.03 37.09 8.64
N SER A 229 12.00 36.28 8.80
CA SER A 229 11.89 35.34 9.94
C SER A 229 12.71 34.06 9.68
N MET A 230 13.17 33.83 8.46
CA MET A 230 13.79 32.55 8.03
C MET A 230 14.90 32.12 9.01
N THR A 231 15.81 33.02 9.37
CA THR A 231 17.03 32.69 10.16
C THR A 231 16.64 32.34 11.61
N LYS A 232 15.41 32.65 12.03
CA LYS A 232 14.95 32.44 13.42
C LYS A 232 14.16 31.13 13.54
N LEU A 233 14.00 30.36 12.45
CA LEU A 233 13.16 29.13 12.48
C LEU A 233 13.90 28.04 13.25
N PRO A 234 13.20 27.14 13.96
CA PRO A 234 13.83 26.25 14.92
C PRO A 234 15.00 25.41 14.36
N ASP A 235 14.90 24.92 13.12
CA ASP A 235 15.92 24.05 12.48
C ASP A 235 16.55 24.79 11.31
N TYR A 236 16.57 26.12 11.35
CA TYR A 236 17.34 26.93 10.39
C TYR A 236 18.82 26.58 10.49
N LYS A 237 19.48 26.46 9.34
CA LYS A 237 20.96 26.54 9.23
C LYS A 237 21.31 27.26 7.93
N PRO A 238 22.49 27.89 7.85
CA PRO A 238 22.90 28.59 6.63
C PRO A 238 23.04 27.64 5.44
N TYR A 239 22.42 28.04 4.32
CA TYR A 239 22.52 27.38 2.99
C TYR A 239 23.36 28.28 2.11
N PRO A 240 24.00 27.72 1.07
CA PRO A 240 24.65 28.56 0.07
C PRO A 240 23.60 29.51 -0.51
N MET A 241 24.04 30.70 -0.94
CA MET A 241 23.18 31.67 -1.68
C MET A 241 23.22 31.27 -3.16
N TYR A 242 22.24 30.51 -3.61
CA TYR A 242 22.04 30.19 -5.06
C TYR A 242 21.29 31.35 -5.70
N PRO A 243 21.62 31.71 -6.96
CA PRO A 243 21.02 32.88 -7.59
C PRO A 243 19.53 32.69 -7.96
N ALA A 244 18.80 33.80 -8.05
CA ALA A 244 17.37 33.87 -8.38
C ALA A 244 17.15 33.95 -9.89
N THR A 245 18.19 33.76 -10.69
CA THR A 245 18.24 34.04 -12.14
C THR A 245 18.06 32.74 -12.96
N THR A 246 17.91 31.59 -12.32
CA THR A 246 17.91 30.27 -13.02
C THR A 246 16.56 30.12 -13.72
N SER A 247 16.59 29.87 -15.02
CA SER A 247 15.40 29.74 -15.90
C SER A 247 14.56 28.54 -15.44
N LEU A 248 13.24 28.67 -15.51
CA LEU A 248 12.25 27.58 -15.26
C LEU A 248 11.78 26.97 -16.58
N VAL A 249 12.17 27.53 -17.72
CA VAL A 249 11.60 27.17 -19.05
C VAL A 249 11.73 25.67 -19.27
N ASN A 250 12.91 25.09 -19.06
CA ASN A 250 13.18 23.65 -19.37
C ASN A 250 12.65 22.75 -18.25
N VAL A 251 12.35 23.31 -17.09
CA VAL A 251 11.82 22.55 -15.92
C VAL A 251 10.31 22.33 -16.11
N VAL A 252 9.63 23.21 -16.85
CA VAL A 252 8.18 23.10 -17.14
C VAL A 252 7.92 23.50 -18.59
N PRO A 253 8.34 22.64 -19.56
CA PRO A 253 8.25 22.97 -20.98
C PRO A 253 6.80 23.04 -21.50
N LYS A 254 5.81 22.48 -20.81
CA LYS A 254 4.38 22.55 -21.25
C LYS A 254 3.80 23.94 -20.99
N LEU A 255 4.46 24.78 -20.17
CA LEU A 255 3.91 26.10 -19.71
C LEU A 255 4.55 27.23 -20.51
N ASN A 256 3.72 28.20 -20.89
CA ASN A 256 4.14 29.55 -21.39
C ASN A 256 4.51 30.42 -20.19
N ALA A 257 4.80 31.70 -20.44
CA ALA A 257 5.08 32.73 -19.42
C ALA A 257 3.94 32.80 -18.39
N THR A 258 2.68 32.71 -18.80
CA THR A 258 1.53 32.79 -17.86
C THR A 258 1.58 31.62 -16.87
N GLY A 259 1.72 30.38 -17.35
CA GLY A 259 1.83 29.20 -16.47
C GLY A 259 3.02 29.32 -15.53
N ARG A 260 4.18 29.77 -16.03
CA ARG A 260 5.41 29.91 -15.20
C ARG A 260 5.19 30.95 -14.10
N ASP A 261 4.49 32.04 -14.39
CA ASP A 261 4.17 33.07 -13.37
C ASP A 261 3.33 32.42 -12.25
N LEU A 262 2.31 31.64 -12.57
CA LEU A 262 1.48 30.97 -11.55
C LEU A 262 2.35 29.99 -10.76
N LEU A 263 3.23 29.23 -11.42
CA LEU A 263 4.09 28.23 -10.72
C LEU A 263 4.97 28.96 -9.70
N GLN A 264 5.55 30.11 -10.07
CA GLN A 264 6.45 30.91 -9.17
C GLN A 264 5.65 31.44 -7.98
N ASN A 265 4.36 31.74 -8.16
CA ASN A 265 3.49 32.25 -7.08
C ASN A 265 3.14 31.13 -6.10
N LEU A 266 3.10 29.89 -6.57
CA LEU A 266 2.81 28.70 -5.72
C LEU A 266 4.10 28.30 -4.97
N LEU A 267 5.23 28.37 -5.64
CA LEU A 267 6.56 27.96 -5.06
C LEU A 267 7.29 29.19 -4.52
N LYS A 268 6.62 30.03 -3.72
CA LYS A 268 7.27 31.06 -2.87
C LYS A 268 7.78 30.38 -1.59
N CYS A 269 9.07 30.51 -1.30
CA CYS A 269 9.71 29.89 -0.11
C CYS A 269 9.06 30.46 1.16
N ASN A 270 8.92 31.78 1.24
CA ASN A 270 8.26 32.47 2.38
C ASN A 270 6.77 32.17 2.35
N PRO A 271 6.23 31.39 3.32
CA PRO A 271 4.84 30.94 3.26
C PRO A 271 3.85 32.11 3.16
N VAL A 272 4.13 33.27 3.76
CA VAL A 272 3.16 34.40 3.73
C VAL A 272 3.01 34.94 2.31
N GLN A 273 3.99 34.71 1.42
CA GLN A 273 4.00 35.27 0.03
C GLN A 273 3.35 34.28 -0.95
N ARG A 274 3.06 33.06 -0.53
CA ARG A 274 2.49 32.00 -1.40
C ARG A 274 1.06 32.39 -1.76
N ILE A 275 0.72 32.30 -3.04
CA ILE A 275 -0.66 32.59 -3.55
C ILE A 275 -1.65 31.63 -2.87
N SER A 276 -2.84 32.10 -2.52
CA SER A 276 -3.97 31.28 -2.01
C SER A 276 -4.65 30.55 -3.17
N ALA A 277 -5.41 29.50 -2.87
CA ALA A 277 -6.18 28.75 -3.90
C ALA A 277 -7.16 29.71 -4.61
N GLU A 278 -7.85 30.57 -3.84
CA GLU A 278 -8.85 31.54 -4.36
C GLU A 278 -8.16 32.52 -5.34
N GLU A 279 -7.02 33.09 -4.97
CA GLU A 279 -6.22 34.01 -5.84
C GLU A 279 -5.73 33.23 -7.07
N ALA A 280 -5.24 32.00 -6.89
CA ALA A 280 -4.70 31.18 -8.00
C ALA A 280 -5.79 30.94 -9.05
N LEU A 281 -7.03 30.70 -8.65
CA LEU A 281 -8.17 30.46 -9.58
C LEU A 281 -8.47 31.72 -10.38
N GLN A 282 -8.07 32.91 -9.89
CA GLN A 282 -8.29 34.21 -10.59
C GLN A 282 -7.07 34.55 -11.46
N HIS A 283 -6.02 33.72 -11.46
CA HIS A 283 -4.78 33.99 -12.23
C HIS A 283 -5.11 33.93 -13.73
N PRO A 284 -4.47 34.77 -14.57
CA PRO A 284 -4.75 34.73 -16.01
C PRO A 284 -4.47 33.37 -16.70
N TYR A 285 -3.71 32.46 -16.10
CA TYR A 285 -3.52 31.08 -16.62
C TYR A 285 -4.88 30.44 -16.89
N PHE A 286 -5.90 30.76 -16.06
CA PHE A 286 -7.26 30.16 -16.12
C PHE A 286 -8.27 31.07 -16.83
N SER A 287 -7.89 32.26 -17.32
CA SER A 287 -8.86 33.15 -18.02
C SER A 287 -9.24 32.52 -19.37
N ASP A 288 -10.39 32.91 -19.91
CA ASP A 288 -10.81 32.54 -21.29
C ASP A 288 -9.85 33.13 -22.34
N PHE A 289 -9.04 34.14 -21.98
CA PHE A 289 -8.20 34.94 -22.93
C PHE A 289 -6.72 34.51 -22.86
N CYS A 290 -6.38 33.45 -22.14
CA CYS A 290 -4.98 32.98 -21.93
C CYS A 290 -4.39 32.45 -23.23
N PRO A 291 -3.12 32.79 -23.58
CA PRO A 291 -2.47 32.21 -24.76
C PRO A 291 -1.92 30.81 -24.46
N LYS B 3 9.69 -8.23 20.23
CA LYS B 3 11.07 -8.58 19.77
C LYS B 3 11.48 -7.70 18.57
N TYR B 4 10.50 -7.17 17.82
CA TYR B 4 10.71 -6.15 16.77
C TYR B 4 9.82 -4.93 17.03
N GLU B 5 10.40 -3.73 16.88
CA GLU B 5 9.67 -2.44 16.93
C GLU B 5 9.50 -1.90 15.51
N LYS B 6 8.25 -1.69 15.08
CA LYS B 6 7.88 -1.05 13.80
C LYS B 6 8.32 0.42 13.82
N LEU B 7 8.91 0.90 12.72
CA LEU B 7 9.36 2.31 12.53
C LEU B 7 8.35 3.06 11.64
N GLU B 8 7.85 2.41 10.60
CA GLU B 8 6.90 3.03 9.62
C GLU B 8 6.46 1.99 8.59
N LYS B 9 5.26 2.19 8.04
CA LYS B 9 4.66 1.35 6.98
C LYS B 9 5.35 1.68 5.66
N ILE B 10 5.79 0.66 4.93
CA ILE B 10 6.43 0.79 3.59
C ILE B 10 5.33 0.76 2.52
N TYR B 15 -2.10 -9.20 -0.16
CA TYR B 15 -1.39 -10.14 0.76
C TYR B 15 -1.54 -9.63 2.18
N GLY B 16 -1.00 -8.44 2.43
CA GLY B 16 -0.82 -7.85 3.78
C GLY B 16 -0.06 -6.54 3.69
N THR B 17 0.71 -6.20 4.73
CA THR B 17 1.38 -4.87 4.88
C THR B 17 2.84 -5.08 5.28
N VAL B 18 3.73 -4.26 4.71
CA VAL B 18 5.20 -4.31 4.94
C VAL B 18 5.61 -3.11 5.79
N PHE B 19 6.45 -3.33 6.81
CA PHE B 19 6.94 -2.29 7.75
C PHE B 19 8.46 -2.30 7.81
N LYS B 20 9.07 -1.11 7.83
CA LYS B 20 10.46 -0.92 8.34
C LYS B 20 10.41 -1.14 9.86
N ALA B 21 11.34 -1.93 10.40
CA ALA B 21 11.36 -2.36 11.83
C ALA B 21 12.80 -2.51 12.33
N LYS B 22 12.96 -2.59 13.66
CA LYS B 22 14.27 -2.73 14.36
C LYS B 22 14.18 -3.93 15.30
N ASN B 23 15.17 -4.84 15.26
CA ASN B 23 15.30 -5.92 16.27
C ASN B 23 15.73 -5.27 17.59
N ARG B 24 14.97 -5.48 18.67
CA ARG B 24 15.25 -4.88 20.00
C ARG B 24 16.63 -5.31 20.53
N GLU B 25 17.08 -6.52 20.21
CA GLU B 25 18.30 -7.13 20.81
C GLU B 25 19.56 -6.67 20.07
N THR B 26 19.61 -6.81 18.73
CA THR B 26 20.80 -6.49 17.90
C THR B 26 20.75 -5.02 17.42
N HIS B 27 19.50 -4.49 17.25
CA HIS B 27 19.19 -3.11 16.74
C HIS B 27 19.34 -3.03 15.21
N GLU B 28 19.46 -4.17 14.51
CA GLU B 28 19.50 -4.23 13.03
C GLU B 28 18.15 -3.74 12.49
N ILE B 29 18.19 -2.97 11.38
CA ILE B 29 17.01 -2.50 10.61
C ILE B 29 16.62 -3.61 9.61
N VAL B 30 15.35 -4.01 9.62
CA VAL B 30 14.81 -5.11 8.76
C VAL B 30 13.49 -4.65 8.16
N ALA B 31 12.95 -5.44 7.23
CA ALA B 31 11.59 -5.25 6.66
C ALA B 31 10.72 -6.41 7.13
N LEU B 32 9.55 -6.10 7.69
CA LEU B 32 8.57 -7.11 8.17
C LEU B 32 7.35 -7.10 7.27
N LYS B 33 6.99 -8.26 6.72
CA LYS B 33 5.72 -8.45 5.98
C LYS B 33 4.77 -9.21 6.89
N ARG B 34 3.69 -8.55 7.31
CA ARG B 34 2.64 -9.12 8.20
C ARG B 34 1.54 -9.71 7.30
N VAL B 35 1.15 -10.95 7.57
CA VAL B 35 0.12 -11.70 6.79
C VAL B 35 -0.95 -12.19 7.77
N ARG B 36 -2.19 -11.73 7.58
CA ARG B 36 -3.36 -12.08 8.43
C ARG B 36 -3.81 -13.50 8.08
N LEU B 37 -4.17 -14.29 9.11
CA LEU B 37 -4.74 -15.67 8.98
C LEU B 37 -6.28 -15.63 9.00
N ASP B 38 -6.89 -14.53 9.46
CA ASP B 38 -8.37 -14.36 9.53
C ASP B 38 -8.94 -14.18 8.12
N ASP B 39 -8.56 -13.08 7.45
CA ASP B 39 -9.13 -12.65 6.14
C ASP B 39 -7.99 -12.12 5.25
N GLY B 43 -7.46 -17.48 1.75
CA GLY B 43 -6.55 -17.72 0.61
C GLY B 43 -5.13 -17.23 0.89
N VAL B 44 -5.00 -16.06 1.54
CA VAL B 44 -3.71 -15.35 1.75
C VAL B 44 -2.68 -16.32 2.35
N PRO B 45 -2.99 -17.04 3.44
CA PRO B 45 -2.00 -17.89 4.11
C PRO B 45 -1.30 -18.88 3.16
N SER B 46 -2.05 -19.47 2.21
CA SER B 46 -1.54 -20.52 1.29
C SER B 46 -0.33 -19.97 0.52
N SER B 47 -0.46 -18.76 -0.03
CA SER B 47 0.61 -18.07 -0.79
C SER B 47 1.82 -17.77 0.10
N ALA B 48 1.58 -17.39 1.35
CA ALA B 48 2.64 -17.06 2.34
C ALA B 48 3.46 -18.33 2.63
N LEU B 49 2.80 -19.48 2.80
CA LEU B 49 3.46 -20.76 3.11
C LEU B 49 4.38 -21.16 1.94
N ARG B 50 3.90 -20.98 0.71
CA ARG B 50 4.69 -21.28 -0.51
C ARG B 50 5.89 -20.33 -0.58
N GLU B 51 5.69 -19.03 -0.34
CA GLU B 51 6.77 -18.01 -0.39
C GLU B 51 7.87 -18.39 0.60
N ILE B 52 7.50 -18.80 1.82
CA ILE B 52 8.47 -19.19 2.88
C ILE B 52 9.29 -20.38 2.37
N CYS B 53 8.61 -21.42 1.87
CA CYS B 53 9.22 -22.69 1.39
C CYS B 53 10.28 -22.39 0.31
N LEU B 54 9.97 -21.49 -0.62
CA LEU B 54 10.87 -21.15 -1.76
C LEU B 54 12.04 -20.30 -1.27
N LEU B 55 11.79 -19.24 -0.49
CA LEU B 55 12.84 -18.29 -0.08
C LEU B 55 13.84 -18.94 0.88
N LYS B 56 13.38 -19.90 1.70
CA LYS B 56 14.29 -20.74 2.54
C LYS B 56 15.38 -21.36 1.66
N GLU B 57 15.08 -21.63 0.38
CA GLU B 57 15.95 -22.44 -0.52
C GLU B 57 16.55 -21.54 -1.62
N LEU B 58 16.46 -20.21 -1.52
CA LEU B 58 16.98 -19.27 -2.55
C LEU B 58 17.87 -18.21 -1.88
N LYS B 59 19.14 -18.55 -1.65
CA LYS B 59 20.13 -17.66 -1.02
C LYS B 59 21.08 -17.16 -2.12
N HIS B 60 20.92 -15.89 -2.50
CA HIS B 60 21.72 -15.22 -3.55
C HIS B 60 21.75 -13.71 -3.29
N LYS B 61 22.85 -13.03 -3.60
CA LYS B 61 23.03 -11.59 -3.29
C LYS B 61 22.02 -10.73 -4.06
N ASN B 62 21.39 -11.26 -5.13
CA ASN B 62 20.40 -10.51 -5.95
C ASN B 62 18.97 -11.05 -5.71
N ILE B 63 18.75 -11.76 -4.61
CA ILE B 63 17.38 -12.19 -4.17
C ILE B 63 17.19 -11.70 -2.73
N VAL B 64 16.06 -11.06 -2.45
CA VAL B 64 15.75 -10.55 -1.08
C VAL B 64 15.96 -11.71 -0.11
N ARG B 65 16.66 -11.46 1.00
CA ARG B 65 16.95 -12.48 2.04
C ARG B 65 15.81 -12.54 3.05
N LEU B 66 15.18 -13.71 3.19
CA LEU B 66 14.28 -14.02 4.34
C LEU B 66 15.15 -14.45 5.53
N HIS B 67 15.17 -13.63 6.58
CA HIS B 67 16.02 -13.81 7.79
C HIS B 67 15.34 -14.79 8.77
N ASP B 68 14.01 -14.70 8.91
CA ASP B 68 13.23 -15.40 9.96
C ASP B 68 11.73 -15.33 9.63
N VAL B 69 10.94 -16.18 10.29
CA VAL B 69 9.45 -16.20 10.19
C VAL B 69 8.87 -16.27 11.60
N LEU B 70 7.95 -15.38 11.95
CA LEU B 70 7.30 -15.33 13.27
C LEU B 70 5.82 -15.70 13.12
N HIS B 71 5.28 -16.37 14.13
CA HIS B 71 3.84 -16.66 14.28
C HIS B 71 3.35 -15.99 15.57
N SER B 72 2.75 -14.80 15.43
CA SER B 72 2.56 -13.78 16.50
C SER B 72 1.11 -13.32 16.48
N ASP B 73 0.43 -13.36 17.64
CA ASP B 73 -1.03 -13.15 17.74
C ASP B 73 -1.70 -14.14 16.77
N LYS B 74 -2.70 -13.69 16.01
CA LYS B 74 -3.49 -14.55 15.09
C LYS B 74 -2.99 -14.30 13.66
N LYS B 75 -1.68 -14.07 13.47
CA LYS B 75 -1.11 -13.70 12.14
C LYS B 75 0.33 -14.23 11.96
N LEU B 76 0.82 -14.22 10.72
CA LEU B 76 2.16 -14.73 10.29
C LEU B 76 3.03 -13.54 9.88
N THR B 77 4.30 -13.43 10.32
CA THR B 77 5.19 -12.28 9.98
C THR B 77 6.51 -12.77 9.35
N LEU B 78 6.78 -12.39 8.09
CA LEU B 78 8.05 -12.70 7.39
C LEU B 78 9.07 -11.56 7.67
N VAL B 79 10.23 -11.89 8.23
CA VAL B 79 11.33 -10.91 8.48
C VAL B 79 12.32 -10.98 7.31
N PHE B 80 12.43 -9.88 6.55
CA PHE B 80 13.35 -9.74 5.39
C PHE B 80 14.49 -8.77 5.70
N GLU B 81 15.57 -8.82 4.93
CA GLU B 81 16.56 -7.71 4.81
C GLU B 81 15.78 -6.46 4.40
N PHE B 82 16.21 -5.30 4.89
CA PHE B 82 15.65 -3.99 4.53
C PHE B 82 16.45 -3.44 3.37
N CYS B 83 15.77 -2.94 2.34
CA CYS B 83 16.36 -2.21 1.20
C CYS B 83 15.84 -0.76 1.23
N ASP B 84 16.59 0.16 0.65
CA ASP B 84 16.34 1.61 0.72
C ASP B 84 15.05 1.95 -0.05
N GLN B 85 14.82 1.33 -1.20
CA GLN B 85 13.61 1.63 -2.01
C GLN B 85 13.35 0.49 -2.99
N ASP B 86 12.39 0.70 -3.90
CA ASP B 86 12.12 -0.19 -5.05
C ASP B 86 12.43 0.61 -6.32
N LEU B 87 12.40 -0.05 -7.48
CA LEU B 87 12.80 0.59 -8.76
C LEU B 87 11.80 1.71 -9.14
N LYS B 88 10.52 1.57 -8.76
CA LYS B 88 9.48 2.60 -9.02
C LYS B 88 9.90 3.91 -8.35
N LYS B 89 10.26 3.86 -7.06
CA LYS B 89 10.66 5.07 -6.30
C LYS B 89 11.98 5.60 -6.86
N TYR B 90 12.92 4.70 -7.17
CA TYR B 90 14.23 5.04 -7.79
C TYR B 90 14.01 5.89 -9.05
N PHE B 91 13.11 5.47 -9.95
CA PHE B 91 12.76 6.25 -11.16
C PHE B 91 12.31 7.66 -10.76
N ASP B 92 11.43 7.77 -9.77
CA ASP B 92 10.91 9.09 -9.30
C ASP B 92 12.04 9.94 -8.72
N SER B 93 13.05 9.32 -8.09
CA SER B 93 14.14 10.02 -7.37
C SER B 93 15.18 10.58 -8.35
N CYS B 94 15.31 10.03 -9.55
CA CYS B 94 16.36 10.47 -10.52
C CYS B 94 15.73 10.92 -11.85
N ASN B 95 14.47 11.37 -11.85
CA ASN B 95 13.85 11.96 -13.06
C ASN B 95 13.70 10.88 -14.14
N GLY B 96 13.63 9.60 -13.76
CA GLY B 96 13.61 8.44 -14.67
C GLY B 96 14.87 8.32 -15.53
N ASP B 97 15.95 9.02 -15.16
CA ASP B 97 17.17 9.19 -16.00
C ASP B 97 18.33 8.41 -15.37
N LEU B 98 18.58 7.20 -15.88
CA LEU B 98 19.70 6.33 -15.42
C LEU B 98 20.92 6.55 -16.34
N ASP B 99 22.10 6.64 -15.75
CA ASP B 99 23.39 6.54 -16.50
C ASP B 99 23.42 5.21 -17.23
N PRO B 100 23.89 5.13 -18.49
CA PRO B 100 23.96 3.85 -19.21
C PRO B 100 24.60 2.70 -18.43
N GLU B 101 25.58 2.98 -17.56
CA GLU B 101 26.28 1.94 -16.76
C GLU B 101 25.36 1.46 -15.62
N ILE B 102 24.46 2.30 -15.11
CA ILE B 102 23.45 1.91 -14.08
C ILE B 102 22.36 1.07 -14.75
N VAL B 103 21.97 1.40 -15.98
CA VAL B 103 21.03 0.57 -16.78
C VAL B 103 21.60 -0.85 -16.84
N LYS B 104 22.88 -0.95 -17.23
CA LYS B 104 23.60 -2.24 -17.45
C LYS B 104 23.72 -2.98 -16.12
N SER B 105 24.12 -2.27 -15.05
CA SER B 105 24.26 -2.82 -13.68
C SER B 105 22.92 -3.43 -13.25
N PHE B 106 21.83 -2.69 -13.36
CA PHE B 106 20.51 -3.11 -12.82
C PHE B 106 20.01 -4.32 -13.62
N LEU B 107 20.14 -4.32 -14.94
CA LEU B 107 19.72 -5.52 -15.74
C LEU B 107 20.61 -6.72 -15.38
N PHE B 108 21.93 -6.52 -15.25
CA PHE B 108 22.90 -7.58 -14.91
C PHE B 108 22.43 -8.27 -13.62
N GLN B 109 22.13 -7.47 -12.60
CA GLN B 109 21.76 -8.00 -11.26
C GLN B 109 20.40 -8.70 -11.34
N LEU B 110 19.44 -8.13 -12.07
CA LEU B 110 18.10 -8.76 -12.24
C LEU B 110 18.27 -10.14 -12.88
N LEU B 111 19.09 -10.23 -13.94
CA LEU B 111 19.35 -11.51 -14.67
C LEU B 111 20.08 -12.50 -13.76
N LYS B 112 21.02 -12.06 -12.93
CA LYS B 112 21.74 -12.96 -11.98
C LYS B 112 20.73 -13.54 -10.99
N GLY B 113 19.84 -12.72 -10.42
CA GLY B 113 18.84 -13.16 -9.44
C GLY B 113 17.85 -14.12 -10.08
N LEU B 114 17.40 -13.76 -11.27
CA LEU B 114 16.40 -14.53 -12.06
C LEU B 114 17.05 -15.85 -12.50
N GLY B 115 18.26 -15.78 -13.06
CA GLY B 115 19.06 -16.95 -13.47
C GLY B 115 19.24 -17.93 -12.33
N PHE B 116 19.49 -17.43 -11.12
CA PHE B 116 19.63 -18.27 -9.91
C PHE B 116 18.29 -18.98 -9.63
N CYS B 117 17.17 -18.25 -9.62
CA CYS B 117 15.81 -18.84 -9.42
C CYS B 117 15.56 -19.95 -10.45
N HIS B 118 15.80 -19.67 -11.73
CA HIS B 118 15.50 -20.63 -12.83
C HIS B 118 16.39 -21.87 -12.67
N SER B 119 17.66 -21.71 -12.32
CA SER B 119 18.62 -22.83 -12.13
C SER B 119 18.20 -23.68 -10.92
N ARG B 120 17.40 -23.12 -10.00
CA ARG B 120 16.91 -23.83 -8.78
C ARG B 120 15.48 -24.32 -9.00
N ASN B 121 14.98 -24.26 -10.24
CA ASN B 121 13.64 -24.79 -10.65
C ASN B 121 12.52 -24.00 -9.97
N VAL B 122 12.65 -22.66 -9.95
CA VAL B 122 11.59 -21.75 -9.42
C VAL B 122 11.24 -20.72 -10.49
N LEU B 123 9.93 -20.60 -10.77
CA LEU B 123 9.37 -19.49 -11.57
C LEU B 123 8.97 -18.35 -10.61
N HIS B 124 9.30 -17.10 -10.94
CA HIS B 124 8.92 -15.92 -10.10
C HIS B 124 7.47 -15.55 -10.42
N ARG B 125 7.16 -15.22 -11.68
CA ARG B 125 5.78 -14.97 -12.19
C ARG B 125 5.18 -13.66 -11.63
N ASP B 126 5.97 -12.74 -11.08
CA ASP B 126 5.44 -11.42 -10.64
C ASP B 126 6.50 -10.31 -10.77
N LEU B 127 7.39 -10.38 -11.76
CA LEU B 127 8.36 -9.29 -12.00
C LEU B 127 7.61 -8.00 -12.36
N LYS B 128 7.97 -6.93 -11.68
CA LYS B 128 7.55 -5.53 -11.93
C LYS B 128 8.47 -4.66 -11.09
N PRO B 129 8.56 -3.34 -11.38
CA PRO B 129 9.49 -2.44 -10.68
C PRO B 129 9.35 -2.45 -9.15
N GLN B 130 8.12 -2.57 -8.64
CA GLN B 130 7.84 -2.60 -7.18
C GLN B 130 8.48 -3.82 -6.52
N ASN B 131 8.72 -4.88 -7.28
CA ASN B 131 9.31 -6.15 -6.77
C ASN B 131 10.82 -6.19 -7.00
N LEU B 132 11.42 -5.10 -7.51
CA LEU B 132 12.89 -4.94 -7.60
C LEU B 132 13.32 -3.91 -6.54
N LEU B 133 14.01 -4.38 -5.50
CA LEU B 133 14.49 -3.54 -4.38
C LEU B 133 15.87 -2.98 -4.72
N ILE B 134 16.12 -1.70 -4.41
CA ILE B 134 17.37 -0.95 -4.74
C ILE B 134 17.98 -0.37 -3.46
N ASN B 135 19.28 -0.57 -3.25
CA ASN B 135 20.07 0.06 -2.15
C ASN B 135 20.88 1.24 -2.69
N ARG B 136 21.26 2.18 -1.80
CA ARG B 136 22.05 3.39 -2.10
C ARG B 136 23.40 3.02 -2.73
N ASN B 137 23.99 1.89 -2.31
CA ASN B 137 25.27 1.40 -2.86
C ASN B 137 25.06 0.78 -4.25
N GLY B 138 23.84 0.75 -4.79
CA GLY B 138 23.57 0.32 -6.18
C GLY B 138 23.22 -1.16 -6.29
N GLU B 139 23.05 -1.88 -5.18
CA GLU B 139 22.58 -3.29 -5.18
C GLU B 139 21.10 -3.34 -5.59
N LEU B 140 20.71 -4.39 -6.31
CA LEU B 140 19.31 -4.69 -6.74
C LEU B 140 18.98 -6.12 -6.30
N LYS B 141 17.84 -6.29 -5.66
CA LYS B 141 17.35 -7.61 -5.18
C LYS B 141 15.94 -7.84 -5.74
N LEU B 142 15.73 -9.03 -6.31
CA LEU B 142 14.41 -9.56 -6.72
C LEU B 142 13.63 -9.94 -5.45
N ALA B 143 12.40 -9.43 -5.30
CA ALA B 143 11.57 -9.63 -4.10
C ALA B 143 10.18 -10.15 -4.47
N ASP B 144 9.41 -10.56 -3.45
CA ASP B 144 7.98 -10.95 -3.52
C ASP B 144 7.82 -12.23 -4.34
N PHE B 145 7.92 -13.38 -3.68
CA PHE B 145 7.76 -14.74 -4.28
C PHE B 145 6.36 -15.25 -3.96
N GLY B 146 5.41 -14.33 -3.78
CA GLY B 146 4.00 -14.62 -3.45
C GLY B 146 3.28 -15.32 -4.60
N LEU B 147 3.74 -15.16 -5.84
CA LEU B 147 3.11 -15.81 -7.02
C LEU B 147 4.04 -16.91 -7.56
N ALA B 148 5.22 -17.10 -6.96
CA ALA B 148 6.28 -18.01 -7.43
C ALA B 148 5.84 -19.45 -7.22
N ARG B 149 6.39 -20.40 -7.99
CA ARG B 149 6.22 -21.85 -7.72
C ARG B 149 7.41 -22.63 -8.25
N ALA B 150 7.69 -23.76 -7.59
CA ALA B 150 8.61 -24.81 -8.06
C ALA B 150 8.01 -25.41 -9.34
N PHE B 151 8.86 -25.80 -10.27
CA PHE B 151 8.49 -26.63 -11.45
C PHE B 151 9.48 -27.79 -11.53
N GLY B 152 9.10 -28.86 -12.24
CA GLY B 152 9.99 -30.02 -12.49
C GLY B 152 9.25 -31.34 -12.44
N ILE B 153 8.33 -31.51 -11.49
CA ILE B 153 7.32 -32.62 -11.53
C ILE B 153 6.41 -32.31 -12.72
N PRO B 154 6.30 -33.20 -13.74
CA PRO B 154 5.41 -32.94 -14.87
C PRO B 154 3.97 -32.80 -14.37
N VAL B 155 3.25 -31.78 -14.86
CA VAL B 155 1.86 -31.44 -14.43
C VAL B 155 1.07 -31.01 -15.67
N ARG B 156 -0.25 -31.22 -15.64
CA ARG B 156 -1.25 -30.77 -16.65
C ARG B 156 -0.96 -29.32 -17.05
N CYS B 157 -0.96 -28.40 -16.08
CA CYS B 157 -0.96 -26.95 -16.32
C CYS B 157 -0.75 -26.17 -15.02
N TYR B 158 -0.25 -24.94 -15.16
CA TYR B 158 -0.15 -23.91 -14.10
C TYR B 158 -1.20 -22.83 -14.42
N SER B 159 -1.38 -21.88 -13.51
CA SER B 159 -2.40 -20.80 -13.61
C SER B 159 -1.97 -19.76 -14.65
N ALA B 160 -2.94 -19.29 -15.46
CA ALA B 160 -2.80 -18.14 -16.38
C ALA B 160 -3.04 -16.82 -15.61
N GLU B 161 -3.43 -16.90 -14.34
CA GLU B 161 -3.73 -15.72 -13.47
C GLU B 161 -2.43 -15.29 -12.77
N VAL B 162 -1.40 -14.97 -13.55
CA VAL B 162 -0.04 -14.66 -13.01
C VAL B 162 0.51 -13.45 -13.79
N VAL B 163 1.37 -12.69 -13.12
CA VAL B 163 2.03 -11.44 -13.62
C VAL B 163 1.00 -10.31 -13.70
N THR B 164 1.35 -9.12 -13.21
CA THR B 164 0.54 -7.89 -13.38
C THR B 164 0.43 -7.58 -14.88
N LEU B 165 -0.69 -7.02 -15.31
CA LEU B 165 -1.09 -6.86 -16.74
C LEU B 165 0.06 -6.30 -17.58
N TRP B 166 0.71 -5.24 -17.13
CA TRP B 166 1.69 -4.49 -17.96
C TRP B 166 2.94 -5.35 -18.25
N TYR B 167 3.21 -6.37 -17.43
CA TYR B 167 4.44 -7.21 -17.51
C TYR B 167 4.11 -8.65 -17.97
N ARG B 168 2.85 -8.91 -18.33
CA ARG B 168 2.38 -10.28 -18.69
C ARG B 168 2.70 -10.56 -20.15
N PRO B 169 3.35 -11.71 -20.48
CA PRO B 169 3.69 -12.01 -21.86
C PRO B 169 2.47 -12.38 -22.71
N PRO B 170 2.58 -12.25 -24.05
CA PRO B 170 1.45 -12.49 -24.93
C PRO B 170 0.85 -13.89 -24.82
N ASP B 171 1.67 -14.93 -24.61
CA ASP B 171 1.15 -16.33 -24.50
C ASP B 171 0.20 -16.40 -23.31
N VAL B 172 0.59 -15.80 -22.18
CA VAL B 172 -0.20 -15.83 -20.91
C VAL B 172 -1.43 -14.91 -21.07
N LEU B 173 -1.32 -13.78 -21.78
CA LEU B 173 -2.50 -12.94 -22.13
C LEU B 173 -3.49 -13.76 -22.97
N PHE B 174 -3.01 -14.70 -23.79
CA PHE B 174 -3.86 -15.63 -24.58
C PHE B 174 -4.26 -16.87 -23.74
N GLY B 175 -4.03 -16.81 -22.42
CA GLY B 175 -4.49 -17.85 -21.46
C GLY B 175 -3.58 -19.07 -21.38
N ALA B 176 -2.31 -18.97 -21.77
CA ALA B 176 -1.34 -20.09 -21.71
C ALA B 176 -1.28 -20.65 -20.29
N LYS B 177 -1.44 -21.97 -20.18
CA LYS B 177 -1.38 -22.74 -18.91
C LYS B 177 -0.12 -23.59 -18.91
N LEU B 178 0.51 -23.75 -20.07
CA LEU B 178 1.87 -24.31 -20.19
C LEU B 178 2.78 -23.10 -20.42
N TYR B 179 3.67 -22.80 -19.47
CA TYR B 179 4.84 -21.92 -19.71
C TYR B 179 5.98 -22.44 -18.85
N SER B 180 7.19 -22.00 -19.17
CA SER B 180 8.45 -22.30 -18.45
C SER B 180 9.05 -20.97 -17.94
N THR B 181 10.36 -20.97 -17.72
CA THR B 181 11.17 -19.81 -17.27
C THR B 181 10.99 -18.63 -18.24
N SER B 182 10.58 -18.91 -19.49
CA SER B 182 10.30 -17.87 -20.52
C SER B 182 9.32 -16.79 -19.99
N ILE B 183 8.41 -17.13 -19.07
CA ILE B 183 7.41 -16.15 -18.56
C ILE B 183 8.16 -14.94 -17.94
N ASP B 184 9.19 -15.21 -17.14
CA ASP B 184 9.94 -14.17 -16.41
C ASP B 184 10.82 -13.35 -17.39
N MET B 185 11.29 -13.97 -18.48
CA MET B 185 12.22 -13.30 -19.42
C MET B 185 11.47 -12.21 -20.18
N TRP B 186 10.18 -12.39 -20.48
CA TRP B 186 9.37 -11.31 -21.10
C TRP B 186 9.32 -10.10 -20.15
N SER B 187 8.95 -10.33 -18.89
CA SER B 187 8.87 -9.27 -17.85
C SER B 187 10.23 -8.57 -17.73
N ALA B 188 11.33 -9.34 -17.77
CA ALA B 188 12.70 -8.77 -17.70
C ALA B 188 12.92 -7.81 -18.87
N GLY B 189 12.49 -8.19 -20.07
CA GLY B 189 12.53 -7.33 -21.27
C GLY B 189 11.77 -6.03 -21.05
N CYS B 190 10.56 -6.11 -20.49
CA CYS B 190 9.70 -4.93 -20.20
C CYS B 190 10.44 -3.97 -19.27
N ILE B 191 11.11 -4.51 -18.25
CA ILE B 191 11.85 -3.72 -17.21
C ILE B 191 13.10 -3.09 -17.85
N PHE B 192 13.84 -3.83 -18.67
CA PHE B 192 15.02 -3.32 -19.44
C PHE B 192 14.59 -2.05 -20.22
N ALA B 193 13.46 -2.10 -20.94
CA ALA B 193 12.95 -0.97 -21.76
C ALA B 193 12.73 0.28 -20.87
N GLU B 194 12.25 0.10 -19.63
CA GLU B 194 12.02 1.21 -18.67
C GLU B 194 13.37 1.78 -18.23
N LEU B 195 14.31 0.90 -17.82
CA LEU B 195 15.68 1.31 -17.40
C LEU B 195 16.31 2.16 -18.49
N ALA B 196 16.14 1.76 -19.77
CA ALA B 196 16.93 2.26 -20.92
C ALA B 196 16.23 3.43 -21.61
N ASN B 197 15.13 3.93 -21.05
CA ASN B 197 14.46 5.13 -21.57
C ASN B 197 14.30 6.15 -20.43
N ALA B 198 13.10 6.29 -19.85
CA ALA B 198 12.82 7.29 -18.80
C ALA B 198 11.95 6.69 -17.69
N GLY B 199 12.06 5.38 -17.47
CA GLY B 199 11.38 4.67 -16.37
C GLY B 199 9.87 4.55 -16.56
N ARG B 200 9.34 4.67 -17.78
CA ARG B 200 7.89 4.50 -18.02
C ARG B 200 7.61 3.13 -18.61
N PRO B 201 6.52 2.46 -18.15
CA PRO B 201 6.12 1.16 -18.70
C PRO B 201 5.99 1.20 -20.22
N LEU B 202 6.59 0.23 -20.90
CA LEU B 202 6.56 0.15 -22.38
C LEU B 202 5.13 -0.12 -22.85
N PHE B 203 4.37 -0.96 -22.14
CA PHE B 203 3.05 -1.49 -22.56
C PHE B 203 2.02 -1.26 -21.46
N PRO B 204 1.55 -0.02 -21.23
CA PRO B 204 0.56 0.25 -20.18
C PRO B 204 -0.89 0.05 -20.65
N GLY B 205 -1.29 -1.20 -20.90
CA GLY B 205 -2.66 -1.50 -21.36
C GLY B 205 -3.72 -1.26 -20.31
N ASN B 206 -4.95 -1.07 -20.76
CA ASN B 206 -6.16 -0.87 -19.93
C ASN B 206 -6.75 -2.21 -19.48
N ASP B 207 -6.50 -3.29 -20.25
CA ASP B 207 -7.15 -4.61 -20.08
C ASP B 207 -6.41 -5.61 -20.99
N VAL B 208 -6.82 -6.87 -21.01
CA VAL B 208 -6.06 -7.95 -21.72
C VAL B 208 -6.03 -7.65 -23.23
N ASP B 209 -7.17 -7.24 -23.79
CA ASP B 209 -7.29 -6.93 -25.24
C ASP B 209 -6.38 -5.75 -25.61
N ASP B 210 -6.39 -4.68 -24.83
CA ASP B 210 -5.57 -3.46 -25.07
C ASP B 210 -4.08 -3.81 -24.89
N GLN B 211 -3.77 -4.67 -23.94
CA GLN B 211 -2.37 -5.11 -23.67
C GLN B 211 -1.81 -5.79 -24.92
N LEU B 212 -2.56 -6.75 -25.48
CA LEU B 212 -2.14 -7.47 -26.71
C LEU B 212 -1.98 -6.49 -27.88
N LYS B 213 -2.91 -5.54 -28.06
CA LYS B 213 -2.82 -4.54 -29.15
C LYS B 213 -1.56 -3.69 -28.98
N ARG B 214 -1.22 -3.28 -27.77
CA ARG B 214 -0.04 -2.40 -27.55
C ARG B 214 1.25 -3.16 -27.88
N ILE B 215 1.33 -4.44 -27.51
CA ILE B 215 2.51 -5.30 -27.81
C ILE B 215 2.65 -5.48 -29.32
N PHE B 216 1.58 -5.88 -30.00
CA PHE B 216 1.56 -6.18 -31.45
C PHE B 216 1.77 -4.89 -32.26
N ARG B 217 1.26 -3.75 -31.77
CA ARG B 217 1.44 -2.42 -32.43
C ARG B 217 2.94 -2.06 -32.46
N LEU B 218 3.70 -2.35 -31.41
CA LEU B 218 5.17 -2.03 -31.37
C LEU B 218 5.96 -3.11 -32.11
N LEU B 219 5.72 -4.40 -31.82
CA LEU B 219 6.61 -5.50 -32.29
C LEU B 219 6.14 -6.07 -33.62
N GLY B 220 4.90 -5.78 -34.04
CA GLY B 220 4.25 -6.45 -35.18
C GLY B 220 3.44 -7.63 -34.71
N THR B 221 2.30 -7.91 -35.34
CA THR B 221 1.44 -9.07 -34.97
C THR B 221 2.16 -10.35 -35.38
N PRO B 222 2.46 -11.28 -34.46
CA PRO B 222 3.28 -12.44 -34.76
C PRO B 222 2.60 -13.29 -35.85
N THR B 223 3.39 -13.72 -36.84
CA THR B 223 2.97 -14.58 -37.97
C THR B 223 3.01 -16.05 -37.53
N GLU B 224 2.37 -16.90 -38.32
CA GLU B 224 2.39 -18.37 -38.12
C GLU B 224 3.86 -18.84 -38.17
N GLU B 225 4.67 -18.21 -39.03
CA GLU B 225 6.14 -18.47 -39.17
C GLU B 225 6.82 -18.20 -37.84
N GLN B 226 6.60 -17.02 -37.24
CA GLN B 226 7.26 -16.60 -35.97
C GLN B 226 6.78 -17.46 -34.79
N TRP B 227 5.49 -17.82 -34.75
CA TRP B 227 4.84 -18.39 -33.54
C TRP B 227 3.75 -19.39 -33.91
N PRO B 228 4.13 -20.59 -34.41
CA PRO B 228 3.15 -21.56 -34.90
C PRO B 228 2.18 -22.09 -33.82
N SER B 229 2.59 -22.13 -32.55
CA SER B 229 1.74 -22.66 -31.45
C SER B 229 0.72 -21.61 -30.97
N MET B 230 0.82 -20.36 -31.43
CA MET B 230 -0.08 -19.25 -31.00
C MET B 230 -1.56 -19.66 -31.14
N THR B 231 -1.94 -20.28 -32.28
CA THR B 231 -3.36 -20.62 -32.61
C THR B 231 -3.89 -21.71 -31.66
N LYS B 232 -3.02 -22.39 -30.90
CA LYS B 232 -3.40 -23.50 -30.00
C LYS B 232 -3.64 -22.98 -28.57
N LEU B 233 -3.47 -21.68 -28.30
CA LEU B 233 -3.61 -21.16 -26.91
C LEU B 233 -5.09 -21.06 -26.56
N PRO B 234 -5.46 -21.32 -25.29
CA PRO B 234 -6.87 -21.41 -24.88
C PRO B 234 -7.75 -20.25 -25.32
N ASP B 235 -7.24 -19.01 -25.27
CA ASP B 235 -8.06 -17.79 -25.58
C ASP B 235 -7.57 -17.14 -26.87
N TYR B 236 -6.90 -17.88 -27.76
CA TYR B 236 -6.43 -17.35 -29.07
C TYR B 236 -7.62 -16.83 -29.89
N LYS B 237 -7.47 -15.64 -30.45
CA LYS B 237 -8.26 -15.13 -31.59
C LYS B 237 -7.34 -14.30 -32.48
N PRO B 238 -7.65 -14.14 -33.78
CA PRO B 238 -6.88 -13.26 -34.66
C PRO B 238 -6.92 -11.80 -34.19
N TYR B 239 -5.78 -11.13 -34.21
CA TYR B 239 -5.65 -9.65 -34.03
C TYR B 239 -5.36 -9.02 -35.39
N PRO B 240 -5.63 -7.72 -35.59
CA PRO B 240 -5.23 -7.04 -36.81
C PRO B 240 -3.71 -7.23 -37.00
N MET B 241 -3.26 -7.32 -38.24
CA MET B 241 -1.82 -7.50 -38.58
C MET B 241 -1.17 -6.11 -38.59
N TYR B 242 -0.53 -5.72 -37.47
CA TYR B 242 0.30 -4.50 -37.38
C TYR B 242 1.69 -4.83 -37.92
N PRO B 243 2.33 -3.92 -38.68
CA PRO B 243 3.72 -4.13 -39.11
C PRO B 243 4.71 -4.04 -37.93
N ALA B 244 5.85 -4.75 -38.06
CA ALA B 244 6.91 -4.85 -37.05
C ALA B 244 7.94 -3.72 -37.22
N THR B 245 7.68 -2.78 -38.13
CA THR B 245 8.67 -1.85 -38.74
C THR B 245 9.38 -1.00 -37.67
N THR B 246 8.79 -0.85 -36.48
CA THR B 246 9.42 -0.06 -35.39
C THR B 246 10.60 -0.84 -34.79
N SER B 247 11.79 -0.72 -35.39
CA SER B 247 13.09 -1.00 -34.71
C SER B 247 13.19 -0.06 -33.51
N LEU B 248 13.81 -0.51 -32.41
CA LEU B 248 13.53 0.01 -31.04
C LEU B 248 14.31 1.29 -30.75
N VAL B 249 14.83 1.98 -31.75
CA VAL B 249 15.78 3.13 -31.59
C VAL B 249 15.18 4.16 -30.62
N ASN B 250 13.95 4.61 -30.93
CA ASN B 250 13.24 5.71 -30.21
C ASN B 250 12.73 5.21 -28.85
N VAL B 251 12.51 3.90 -28.73
CA VAL B 251 11.88 3.28 -27.53
C VAL B 251 12.97 3.11 -26.46
N VAL B 252 14.24 2.96 -26.85
CA VAL B 252 15.37 2.81 -25.89
C VAL B 252 16.57 3.61 -26.40
N PRO B 253 16.50 4.96 -26.32
CA PRO B 253 17.59 5.81 -26.83
C PRO B 253 18.89 5.70 -26.01
N LYS B 254 18.86 5.18 -24.78
CA LYS B 254 20.07 5.01 -23.93
C LYS B 254 20.90 3.81 -24.40
N LEU B 255 20.32 2.92 -25.21
CA LEU B 255 21.00 1.67 -25.68
C LEU B 255 21.61 1.89 -27.07
N ASN B 256 22.83 1.37 -27.23
CA ASN B 256 23.55 1.11 -28.50
C ASN B 256 22.92 -0.09 -29.21
N ALA B 257 23.43 -0.44 -30.40
CA ALA B 257 23.02 -1.62 -31.20
C ALA B 257 23.10 -2.90 -30.33
N THR B 258 24.15 -3.04 -29.53
CA THR B 258 24.36 -4.22 -28.65
C THR B 258 23.17 -4.37 -27.68
N GLY B 259 22.85 -3.30 -26.93
CA GLY B 259 21.72 -3.29 -25.99
C GLY B 259 20.42 -3.62 -26.68
N ARG B 260 20.17 -3.01 -27.85
CA ARG B 260 18.89 -3.19 -28.60
C ARG B 260 18.77 -4.66 -29.04
N ASP B 261 19.88 -5.30 -29.44
CA ASP B 261 19.87 -6.75 -29.80
C ASP B 261 19.40 -7.58 -28.59
N LEU B 262 19.95 -7.33 -27.39
CA LEU B 262 19.55 -8.09 -26.19
C LEU B 262 18.06 -7.82 -25.90
N LEU B 263 17.59 -6.56 -26.01
CA LEU B 263 16.17 -6.22 -25.73
C LEU B 263 15.25 -7.03 -26.65
N GLN B 264 15.59 -7.08 -27.95
CA GLN B 264 14.78 -7.79 -28.98
C GLN B 264 14.71 -9.29 -28.64
N ASN B 265 15.78 -9.83 -28.06
CA ASN B 265 15.86 -11.27 -27.74
C ASN B 265 15.03 -11.59 -26.50
N LEU B 266 14.78 -10.61 -25.62
CA LEU B 266 13.91 -10.80 -24.43
C LEU B 266 12.45 -10.62 -24.83
N LEU B 267 12.16 -9.64 -25.68
CA LEU B 267 10.76 -9.28 -26.07
C LEU B 267 10.33 -10.01 -27.35
N LYS B 268 10.42 -11.34 -27.32
CA LYS B 268 9.91 -12.23 -28.39
C LYS B 268 8.52 -12.69 -27.94
N CYS B 269 7.51 -12.51 -28.79
CA CYS B 269 6.11 -12.96 -28.51
C CYS B 269 6.11 -14.49 -28.28
N ASN B 270 6.76 -15.24 -29.15
CA ASN B 270 6.90 -16.71 -29.03
C ASN B 270 7.80 -17.05 -27.84
N PRO B 271 7.26 -17.63 -26.74
CA PRO B 271 8.04 -17.87 -25.53
C PRO B 271 9.32 -18.69 -25.79
N VAL B 272 9.28 -19.63 -26.74
CA VAL B 272 10.42 -20.54 -27.08
C VAL B 272 11.62 -19.70 -27.56
N GLN B 273 11.37 -18.52 -28.16
CA GLN B 273 12.40 -17.69 -28.82
C GLN B 273 12.98 -16.67 -27.81
N ARG B 274 12.43 -16.53 -26.62
CA ARG B 274 12.98 -15.63 -25.58
C ARG B 274 14.31 -16.19 -25.07
N ILE B 275 15.34 -15.36 -25.07
CA ILE B 275 16.70 -15.68 -24.53
C ILE B 275 16.51 -16.00 -23.04
N SER B 276 17.22 -17.01 -22.53
CA SER B 276 17.26 -17.38 -21.09
C SER B 276 18.11 -16.36 -20.32
N ALA B 277 17.96 -16.32 -19.00
CA ALA B 277 18.75 -15.46 -18.09
C ALA B 277 20.25 -15.81 -18.24
N GLU B 278 20.59 -17.10 -18.25
CA GLU B 278 21.99 -17.60 -18.40
C GLU B 278 22.61 -17.08 -19.71
N GLU B 279 21.91 -17.25 -20.83
CA GLU B 279 22.37 -16.79 -22.17
C GLU B 279 22.49 -15.25 -22.16
N ALA B 280 21.50 -14.55 -21.61
CA ALA B 280 21.48 -13.06 -21.55
C ALA B 280 22.75 -12.55 -20.83
N LEU B 281 23.17 -13.20 -19.75
CA LEU B 281 24.36 -12.80 -18.96
C LEU B 281 25.63 -12.96 -19.80
N GLN B 282 25.62 -13.82 -20.83
CA GLN B 282 26.79 -14.05 -21.74
C GLN B 282 26.69 -13.14 -22.96
N HIS B 283 25.65 -12.32 -23.08
CA HIS B 283 25.44 -11.44 -24.26
C HIS B 283 26.55 -10.38 -24.29
N PRO B 284 27.03 -9.96 -25.48
CA PRO B 284 28.10 -8.96 -25.55
C PRO B 284 27.78 -7.61 -24.87
N TYR B 285 26.50 -7.29 -24.63
CA TYR B 285 26.08 -6.09 -23.87
C TYR B 285 26.84 -6.04 -22.53
N PHE B 286 27.12 -7.20 -21.93
CA PHE B 286 27.78 -7.34 -20.59
C PHE B 286 29.25 -7.74 -20.70
N SER B 287 29.94 -7.42 -21.80
CA SER B 287 31.37 -7.79 -21.97
C SER B 287 32.24 -7.11 -20.90
N ASP B 288 32.18 -5.77 -20.75
CA ASP B 288 32.84 -5.03 -19.66
C ASP B 288 31.92 -3.90 -19.16
N ALA C 48 -8.34 30.39 32.99
CA ALA C 48 -7.49 29.97 31.84
C ALA C 48 -6.74 28.67 32.16
N SER C 49 -6.50 28.34 33.44
CA SER C 49 -5.68 27.18 33.88
C SER C 49 -6.32 25.86 33.44
N THR C 50 -5.50 24.90 32.99
CA THR C 50 -5.93 23.52 32.65
C THR C 50 -6.62 22.88 33.87
N SER C 51 -6.02 22.99 35.05
CA SER C 51 -6.55 22.47 36.33
C SER C 51 -7.96 23.02 36.60
N GLU C 52 -8.14 24.33 36.41
CA GLU C 52 -9.42 25.05 36.66
C GLU C 52 -10.48 24.49 35.70
N LEU C 53 -10.17 24.43 34.39
CA LEU C 53 -11.14 23.99 33.35
C LEU C 53 -11.47 22.51 33.53
N LEU C 54 -10.50 21.67 33.88
CA LEU C 54 -10.76 20.24 34.21
C LEU C 54 -11.71 20.16 35.40
N ARG C 55 -11.50 20.97 36.45
CA ARG C 55 -12.45 21.04 37.61
C ARG C 55 -13.87 21.37 37.05
N CYS C 56 -13.95 22.44 36.26
CA CYS C 56 -15.25 22.93 35.69
C CYS C 56 -15.93 21.78 34.92
N LEU C 57 -15.15 20.97 34.21
CA LEU C 57 -15.69 19.81 33.46
C LEU C 57 -16.22 18.77 34.45
N GLY C 58 -15.42 18.42 35.46
CA GLY C 58 -15.82 17.47 36.53
C GLY C 58 -17.11 17.91 37.21
N GLU C 59 -17.22 19.18 37.59
CA GLU C 59 -18.40 19.72 38.29
C GLU C 59 -19.61 19.65 37.34
N PHE C 60 -19.38 19.91 36.06
CA PHE C 60 -20.43 19.86 35.01
C PHE C 60 -20.95 18.42 34.92
N LEU C 61 -20.06 17.42 34.90
CA LEU C 61 -20.49 16.00 34.72
C LEU C 61 -21.28 15.52 35.95
N CYS C 62 -20.88 15.92 37.18
CA CYS C 62 -21.58 15.55 38.44
C CYS C 62 -23.01 16.12 38.43
N ARG C 63 -23.20 17.35 37.92
CA ARG C 63 -24.52 18.03 37.81
C ARG C 63 -25.36 17.38 36.70
N ARG C 64 -24.77 17.09 35.54
CA ARG C 64 -25.47 16.46 34.39
C ARG C 64 -25.99 15.09 34.84
N CYS C 65 -25.10 14.27 35.41
CA CYS C 65 -25.33 12.84 35.67
C CYS C 65 -25.89 12.67 37.09
N TYR C 66 -27.13 13.15 37.30
CA TYR C 66 -27.77 13.30 38.64
C TYR C 66 -27.99 11.93 39.30
N ARG C 67 -28.07 10.82 38.55
CA ARG C 67 -28.25 9.45 39.13
C ARG C 67 -26.98 8.98 39.85
N LEU C 68 -25.83 9.59 39.59
CA LEU C 68 -24.53 9.05 40.10
C LEU C 68 -24.27 9.67 41.47
N LYS C 69 -24.76 9.02 42.53
CA LYS C 69 -24.80 9.60 43.89
C LYS C 69 -23.39 9.61 44.50
N HIS C 70 -22.50 8.73 44.04
CA HIS C 70 -21.13 8.55 44.63
C HIS C 70 -20.00 8.95 43.66
N LEU C 71 -20.33 9.56 42.51
CA LEU C 71 -19.35 10.20 41.61
C LEU C 71 -18.77 11.45 42.29
N SER C 72 -17.44 11.52 42.33
CA SER C 72 -16.65 12.72 42.75
C SER C 72 -16.37 13.58 41.51
N PRO C 73 -16.38 14.94 41.62
CA PRO C 73 -15.94 15.80 40.53
C PRO C 73 -14.45 15.66 40.21
N THR C 74 -13.67 15.00 41.08
CA THR C 74 -12.25 14.68 40.85
C THR C 74 -12.11 13.39 40.03
N ASP C 75 -13.15 12.54 39.96
CA ASP C 75 -13.08 11.23 39.24
C ASP C 75 -12.86 11.44 37.73
N PRO C 76 -13.62 12.32 37.04
CA PRO C 76 -13.38 12.55 35.61
C PRO C 76 -11.97 13.10 35.34
N VAL C 77 -11.48 13.99 36.21
CA VAL C 77 -10.10 14.58 36.12
C VAL C 77 -9.07 13.45 36.25
N LEU C 78 -9.25 12.55 37.22
CA LEU C 78 -8.36 11.38 37.42
C LEU C 78 -8.37 10.50 36.15
N TRP C 79 -9.54 10.22 35.58
CA TRP C 79 -9.65 9.35 34.38
C TRP C 79 -8.90 9.98 33.20
N LEU C 80 -9.02 11.29 32.99
CA LEU C 80 -8.44 12.03 31.84
C LEU C 80 -6.92 12.16 32.03
N ARG C 81 -6.47 12.60 33.21
CA ARG C 81 -5.01 12.79 33.53
C ARG C 81 -4.29 11.46 33.35
N SER C 82 -4.88 10.36 33.84
CA SER C 82 -4.36 8.98 33.74
C SER C 82 -4.08 8.59 32.28
N VAL C 83 -5.01 8.87 31.36
CA VAL C 83 -4.85 8.53 29.92
C VAL C 83 -3.66 9.33 29.36
N ASP C 84 -3.61 10.63 29.62
CA ASP C 84 -2.63 11.56 29.02
C ASP C 84 -1.21 11.17 29.48
N ARG C 85 -1.08 10.83 30.77
CA ARG C 85 0.19 10.42 31.43
C ARG C 85 0.71 9.12 30.77
N SER C 86 -0.17 8.13 30.67
CA SER C 86 0.10 6.81 30.08
C SER C 86 0.61 6.96 28.63
N LEU C 87 -0.09 7.74 27.78
CA LEU C 87 0.30 7.94 26.36
C LEU C 87 1.70 8.56 26.30
N LEU C 88 1.99 9.55 27.14
CA LEU C 88 3.30 10.22 27.19
C LEU C 88 4.37 9.18 27.59
N LEU C 89 4.18 8.48 28.70
CA LEU C 89 5.23 7.57 29.26
C LEU C 89 5.46 6.40 28.30
N GLN C 90 4.42 5.97 27.58
CA GLN C 90 4.54 4.86 26.61
C GLN C 90 5.07 5.37 25.27
N GLY C 91 5.31 6.69 25.15
CA GLY C 91 5.97 7.29 23.96
C GLY C 91 5.04 7.38 22.75
N TRP C 92 3.73 7.43 22.94
CA TRP C 92 2.74 7.64 21.83
C TRP C 92 2.65 9.13 21.51
N GLN C 93 3.03 10.01 22.44
CA GLN C 93 3.08 11.47 22.23
C GLN C 93 4.32 12.02 22.93
N ASP C 94 4.80 13.17 22.47
CA ASP C 94 6.01 13.88 22.98
C ASP C 94 5.61 14.86 24.08
N GLN C 95 4.35 15.32 24.05
CA GLN C 95 3.80 16.32 25.01
C GLN C 95 2.37 15.90 25.36
N GLY C 96 1.85 16.40 26.49
CA GLY C 96 0.47 16.18 26.94
C GLY C 96 -0.53 16.78 25.97
N PHE C 97 -1.63 16.07 25.71
CA PHE C 97 -2.78 16.53 24.89
C PHE C 97 -3.61 17.53 25.70
N ILE C 98 -3.69 17.35 27.01
CA ILE C 98 -4.67 18.11 27.83
C ILE C 98 -4.13 19.52 28.00
N THR C 99 -4.72 20.47 27.29
CA THR C 99 -4.43 21.92 27.31
C THR C 99 -5.75 22.64 27.50
N PRO C 100 -5.76 23.94 27.81
CA PRO C 100 -7.02 24.68 27.95
C PRO C 100 -7.95 24.49 26.74
N ALA C 101 -7.44 24.73 25.52
CA ALA C 101 -8.24 24.64 24.27
C ALA C 101 -8.85 23.25 24.08
N ASN C 102 -8.12 22.18 24.44
CA ASN C 102 -8.57 20.79 24.19
C ASN C 102 -9.58 20.37 25.25
N VAL C 103 -9.51 20.93 26.46
CA VAL C 103 -10.55 20.70 27.50
C VAL C 103 -11.86 21.37 27.05
N VAL C 104 -11.78 22.57 26.49
CA VAL C 104 -12.96 23.29 25.93
C VAL C 104 -13.59 22.42 24.83
N PHE C 105 -12.77 21.84 23.96
CA PHE C 105 -13.22 20.98 22.84
C PHE C 105 -13.93 19.75 23.41
N LEU C 106 -13.32 19.09 24.39
CA LEU C 106 -13.84 17.88 25.09
C LEU C 106 -15.22 18.22 25.69
N TYR C 107 -15.32 19.37 26.38
CA TYR C 107 -16.56 19.83 27.02
C TYR C 107 -17.64 20.05 25.96
N MET C 108 -17.28 20.64 24.82
CA MET C 108 -18.24 20.81 23.70
C MET C 108 -18.87 19.46 23.34
N LEU C 109 -18.06 18.40 23.22
CA LEU C 109 -18.56 17.02 22.97
C LEU C 109 -19.42 16.55 24.15
N CYS C 110 -18.89 16.57 25.37
CA CYS C 110 -19.55 16.02 26.59
C CYS C 110 -20.96 16.60 26.75
N ARG C 111 -21.11 17.91 26.58
CA ARG C 111 -22.40 18.57 26.92
C ARG C 111 -23.49 18.15 25.93
N ASP C 112 -23.16 17.80 24.69
CA ASP C 112 -24.17 17.38 23.69
C ASP C 112 -24.32 15.85 23.72
N VAL C 113 -23.32 15.10 24.18
CA VAL C 113 -23.28 13.61 24.05
C VAL C 113 -23.79 12.96 25.34
N ILE C 114 -23.38 13.46 26.50
CA ILE C 114 -23.57 12.69 27.75
C ILE C 114 -24.99 12.92 28.27
N SER C 115 -25.76 11.84 28.37
CA SER C 115 -27.16 11.85 28.86
C SER C 115 -27.18 12.19 30.35
N SER C 116 -28.17 12.95 30.77
CA SER C 116 -28.54 13.11 32.19
C SER C 116 -28.79 11.72 32.83
N GLU C 117 -29.26 10.73 32.02
CA GLU C 117 -29.79 9.41 32.50
C GLU C 117 -28.66 8.35 32.58
N VAL C 118 -27.39 8.70 32.41
CA VAL C 118 -26.25 7.76 32.62
C VAL C 118 -26.42 7.05 34.00
N GLY C 119 -26.41 5.72 33.96
CA GLY C 119 -26.90 4.85 35.04
C GLY C 119 -25.82 4.38 35.97
N SER C 120 -24.53 4.53 35.64
CA SER C 120 -23.41 4.07 36.50
C SER C 120 -22.18 4.91 36.22
N ASP C 121 -21.28 5.03 37.20
CA ASP C 121 -19.98 5.74 37.03
C ASP C 121 -19.19 5.09 35.88
N HIS C 122 -19.21 3.75 35.76
CA HIS C 122 -18.55 2.99 34.66
C HIS C 122 -19.04 3.48 33.28
N GLU C 123 -20.35 3.56 33.08
CA GLU C 123 -20.99 4.09 31.84
C GLU C 123 -20.52 5.53 31.59
N LEU C 124 -20.49 6.39 32.62
CA LEU C 124 -19.95 7.77 32.44
C LEU C 124 -18.49 7.70 31.94
N GLN C 125 -17.63 6.92 32.58
CA GLN C 125 -16.21 6.80 32.19
C GLN C 125 -16.13 6.34 30.71
N ALA C 126 -16.90 5.31 30.33
CA ALA C 126 -16.91 4.77 28.96
C ALA C 126 -17.27 5.88 27.96
N VAL C 127 -18.32 6.67 28.24
CA VAL C 127 -18.78 7.71 27.28
C VAL C 127 -17.76 8.86 27.28
N LEU C 128 -17.27 9.27 28.45
CA LEU C 128 -16.23 10.32 28.56
C LEU C 128 -14.98 9.92 27.77
N LEU C 129 -14.50 8.68 27.92
CA LEU C 129 -13.27 8.22 27.23
C LEU C 129 -13.53 8.07 25.73
N THR C 130 -14.76 7.84 25.29
CA THR C 130 -15.10 7.85 23.86
C THR C 130 -14.94 9.28 23.31
N CYS C 131 -15.50 10.29 24.01
CA CYS C 131 -15.36 11.71 23.63
C CYS C 131 -13.89 12.12 23.66
N LEU C 132 -13.13 11.66 24.65
CA LEU C 132 -11.67 11.96 24.75
C LEU C 132 -10.90 11.37 23.57
N TYR C 133 -11.17 10.11 23.20
CA TYR C 133 -10.54 9.42 22.06
C TYR C 133 -10.78 10.22 20.77
N LEU C 134 -12.00 10.70 20.56
CA LEU C 134 -12.38 11.52 19.38
C LEU C 134 -11.65 12.86 19.43
N SER C 135 -11.46 13.46 20.61
CA SER C 135 -10.70 14.72 20.80
C SER C 135 -9.23 14.51 20.39
N TYR C 136 -8.59 13.46 20.90
CA TYR C 136 -7.21 13.05 20.48
C TYR C 136 -7.17 12.86 18.97
N SER C 137 -8.15 12.16 18.40
CA SER C 137 -8.20 11.80 16.96
C SER C 137 -8.32 13.05 16.10
N TYR C 138 -9.12 14.04 16.52
CA TYR C 138 -9.46 15.22 15.68
C TYR C 138 -8.45 16.36 15.91
N MET C 139 -8.00 16.56 17.15
CA MET C 139 -7.20 17.76 17.54
C MET C 139 -5.76 17.37 17.96
N GLY C 140 -5.45 16.09 18.16
CA GLY C 140 -4.12 15.65 18.60
C GLY C 140 -3.03 15.86 17.54
N ASN C 141 -1.78 16.11 17.98
CA ASN C 141 -0.65 16.45 17.08
C ASN C 141 -0.02 15.20 16.49
N GLU C 142 -0.30 14.02 17.02
CA GLU C 142 0.23 12.73 16.49
C GLU C 142 -0.77 12.19 15.49
N ILE C 143 -0.29 11.42 14.51
CA ILE C 143 -1.10 10.89 13.39
C ILE C 143 -2.19 9.99 13.95
N SER C 144 -1.85 9.26 15.02
CA SER C 144 -2.68 8.17 15.55
C SER C 144 -2.42 7.96 17.05
N TYR C 145 -3.42 7.37 17.71
CA TYR C 145 -3.41 7.03 19.16
C TYR C 145 -4.00 5.64 19.29
N PRO C 146 -3.46 4.81 20.20
CA PRO C 146 -3.97 3.46 20.41
C PRO C 146 -5.29 3.48 21.18
N LEU C 147 -6.04 2.37 21.10
CA LEU C 147 -7.36 2.19 21.72
C LEU C 147 -7.25 1.92 23.23
N LYS C 148 -6.24 1.14 23.64
CA LYS C 148 -6.14 0.49 24.98
C LYS C 148 -6.49 1.45 26.12
N PRO C 149 -5.87 2.64 26.26
CA PRO C 149 -6.15 3.52 27.40
C PRO C 149 -7.57 4.09 27.46
N PHE C 150 -8.32 4.03 26.36
CA PHE C 150 -9.66 4.65 26.22
C PHE C 150 -10.76 3.60 26.41
N LEU C 151 -10.39 2.32 26.47
CA LEU C 151 -11.34 1.18 26.49
C LEU C 151 -11.55 0.72 27.92
N VAL C 152 -12.77 0.80 28.46
CA VAL C 152 -13.03 0.31 29.85
C VAL C 152 -14.18 -0.70 29.84
N GLU C 153 -14.68 -1.05 28.66
CA GLU C 153 -15.81 -1.98 28.44
C GLU C 153 -15.27 -3.29 27.88
N SER C 154 -15.90 -4.42 28.18
CA SER C 154 -15.54 -5.75 27.60
C SER C 154 -16.05 -5.84 26.15
N CYS C 155 -17.17 -5.18 25.84
CA CYS C 155 -17.76 -5.15 24.46
C CYS C 155 -17.12 -4.03 23.64
N LYS C 156 -16.07 -4.34 22.86
CA LYS C 156 -15.37 -3.37 21.98
C LYS C 156 -16.35 -2.82 20.93
N GLU C 157 -17.21 -3.68 20.39
CA GLU C 157 -18.24 -3.32 19.38
C GLU C 157 -19.05 -2.10 19.85
N ALA C 158 -19.39 -2.04 21.15
CA ALA C 158 -20.16 -0.92 21.75
C ALA C 158 -19.32 0.36 21.74
N PHE C 159 -18.01 0.27 22.00
CA PHE C 159 -17.09 1.43 21.92
C PHE C 159 -17.13 2.03 20.50
N TRP C 160 -16.97 1.19 19.47
CA TRP C 160 -16.88 1.66 18.06
C TRP C 160 -18.22 2.23 17.58
N ASP C 161 -19.33 1.58 17.92
CA ASP C 161 -20.69 2.10 17.64
C ASP C 161 -20.85 3.51 18.25
N ARG C 162 -20.35 3.72 19.47
CA ARG C 162 -20.47 5.02 20.18
C ARG C 162 -19.60 6.06 19.46
N CYS C 163 -18.39 5.70 19.01
CA CYS C 163 -17.52 6.59 18.21
C CYS C 163 -18.33 7.15 17.03
N LEU C 164 -18.97 6.25 16.27
CA LEU C 164 -19.67 6.61 15.00
C LEU C 164 -20.90 7.46 15.34
N SER C 165 -21.62 7.12 16.40
CA SER C 165 -22.78 7.89 16.90
C SER C 165 -22.35 9.31 17.26
N VAL C 166 -21.28 9.49 18.03
CA VAL C 166 -20.81 10.84 18.43
C VAL C 166 -20.40 11.62 17.17
N ILE C 167 -19.66 11.00 16.25
CA ILE C 167 -19.23 11.67 14.98
C ILE C 167 -20.48 12.13 14.21
N ASN C 168 -21.50 11.28 14.09
CA ASN C 168 -22.75 11.61 13.32
C ASN C 168 -23.41 12.83 13.96
N LEU C 169 -23.43 12.91 15.30
CA LEU C 169 -24.03 14.06 16.02
C LEU C 169 -23.13 15.31 15.92
N MET C 170 -21.82 15.15 16.07
CA MET C 170 -20.94 16.29 16.49
C MET C 170 -20.00 16.79 15.38
N SER C 171 -19.89 16.12 14.22
CA SER C 171 -18.81 16.40 13.24
C SER C 171 -18.87 17.87 12.79
N SER C 172 -20.07 18.40 12.59
CA SER C 172 -20.29 19.82 12.21
C SER C 172 -19.78 20.78 13.29
N LYS C 173 -20.07 20.54 14.57
CA LYS C 173 -19.62 21.44 15.67
C LYS C 173 -18.12 21.29 15.90
N MET C 174 -17.58 20.10 15.68
CA MET C 174 -16.13 19.84 15.80
C MET C 174 -15.35 20.75 14.84
N LEU C 175 -15.87 20.96 13.63
CA LEU C 175 -15.23 21.87 12.65
C LEU C 175 -15.56 23.33 13.01
N GLN C 176 -16.78 23.61 13.41
CA GLN C 176 -17.27 25.00 13.69
C GLN C 176 -16.46 25.63 14.85
N ILE C 177 -16.12 24.85 15.89
CA ILE C 177 -15.40 25.40 17.08
C ILE C 177 -13.97 25.82 16.64
N ASN C 178 -13.47 25.25 15.57
CA ASN C 178 -12.19 25.67 14.93
C ASN C 178 -12.43 26.86 14.01
N ALA C 179 -13.43 26.78 13.13
CA ALA C 179 -13.68 27.75 12.03
C ALA C 179 -14.21 29.08 12.60
N ASP C 180 -14.88 29.06 13.75
CA ASP C 180 -15.66 30.22 14.27
C ASP C 180 -15.15 30.59 15.65
N PRO C 181 -14.20 31.55 15.76
CA PRO C 181 -13.64 31.93 17.06
C PRO C 181 -14.70 32.41 18.07
N HIS C 182 -15.79 33.02 17.59
CA HIS C 182 -16.95 33.44 18.42
C HIS C 182 -17.56 32.24 19.12
N TYR C 183 -17.68 31.10 18.42
CA TYR C 183 -18.24 29.85 18.96
C TYR C 183 -17.29 29.28 20.02
N PHE C 184 -15.99 29.25 19.73
CA PHE C 184 -14.96 28.81 20.70
C PHE C 184 -15.10 29.62 22.00
N THR C 185 -15.17 30.94 21.92
CA THR C 185 -15.27 31.86 23.08
C THR C 185 -16.55 31.55 23.88
N GLN C 186 -17.70 31.38 23.20
CA GLN C 186 -19.01 31.00 23.79
C GLN C 186 -18.84 29.71 24.62
N VAL C 187 -18.26 28.66 24.03
CA VAL C 187 -18.07 27.34 24.69
C VAL C 187 -17.13 27.52 25.90
N PHE C 188 -16.03 28.25 25.74
CA PHE C 188 -15.01 28.51 26.80
C PHE C 188 -15.68 29.23 27.98
N SER C 189 -16.49 30.26 27.69
CA SER C 189 -17.27 31.03 28.71
C SER C 189 -18.23 30.08 29.44
N ASP C 190 -18.94 29.24 28.70
CA ASP C 190 -19.91 28.28 29.27
C ASP C 190 -19.20 27.33 30.23
N LEU C 191 -18.01 26.83 29.85
CA LEU C 191 -17.26 25.87 30.70
C LEU C 191 -16.85 26.57 32.01
N LYS C 192 -16.31 27.79 31.90
CA LYS C 192 -15.90 28.59 33.09
C LYS C 192 -17.10 28.77 34.04
N ASN C 193 -18.28 29.05 33.49
CA ASN C 193 -19.52 29.31 34.27
C ASN C 193 -20.15 28.03 34.84
N GLU C 194 -19.55 26.85 34.60
CA GLU C 194 -20.01 25.55 35.15
C GLU C 194 -19.56 25.41 36.62
N SER C 195 -18.57 26.18 37.07
CA SER C 195 -18.07 26.14 38.47
C SER C 195 -18.97 27.00 39.36
N SER D 49 -1.84 -46.13 -11.06
CA SER D 49 -2.80 -45.00 -11.17
C SER D 49 -3.12 -44.43 -9.78
N THR D 50 -4.10 -43.54 -9.70
CA THR D 50 -4.51 -42.78 -8.49
C THR D 50 -4.84 -43.77 -7.36
N SER D 51 -5.70 -44.75 -7.65
CA SER D 51 -6.18 -45.79 -6.70
C SER D 51 -4.99 -46.53 -6.08
N GLU D 52 -4.00 -46.90 -6.91
CA GLU D 52 -2.81 -47.70 -6.50
C GLU D 52 -2.00 -46.91 -5.46
N LEU D 53 -1.66 -45.66 -5.75
CA LEU D 53 -0.82 -44.81 -4.87
C LEU D 53 -1.56 -44.49 -3.57
N LEU D 54 -2.87 -44.20 -3.65
CA LEU D 54 -3.77 -43.94 -2.49
C LEU D 54 -3.69 -45.09 -1.48
N ARG D 55 -3.65 -46.33 -1.95
CA ARG D 55 -3.47 -47.55 -1.11
C ARG D 55 -2.03 -47.59 -0.58
N ARG D 67 -0.90 -48.82 16.36
CA ARG D 67 -1.46 -48.07 17.53
C ARG D 67 -2.98 -47.86 17.38
N LEU D 68 -3.50 -47.99 16.15
CA LEU D 68 -4.95 -47.88 15.82
C LEU D 68 -5.49 -49.24 15.37
N LYS D 69 -6.51 -49.76 16.08
CA LYS D 69 -7.22 -51.02 15.74
C LYS D 69 -7.98 -50.86 14.42
N HIS D 70 -8.35 -49.64 14.06
CA HIS D 70 -9.01 -49.27 12.78
C HIS D 70 -8.06 -48.34 12.00
N LEU D 71 -6.94 -48.89 11.50
CA LEU D 71 -5.96 -48.19 10.62
C LEU D 71 -5.93 -48.84 9.22
N SER D 72 -6.95 -48.59 8.40
CA SER D 72 -7.09 -49.12 7.02
C SER D 72 -6.49 -48.12 6.03
N PRO D 73 -5.76 -48.58 4.97
CA PRO D 73 -5.36 -47.67 3.90
C PRO D 73 -6.55 -47.17 3.06
N THR D 74 -7.71 -47.83 3.15
CA THR D 74 -8.91 -47.57 2.31
C THR D 74 -9.76 -46.46 2.93
N ASP D 75 -9.69 -46.25 4.24
CA ASP D 75 -10.59 -45.31 4.98
C ASP D 75 -10.25 -43.86 4.62
N PRO D 76 -8.97 -43.42 4.68
CA PRO D 76 -8.63 -42.03 4.40
C PRO D 76 -8.98 -41.53 2.98
N VAL D 77 -9.06 -42.45 2.01
CA VAL D 77 -9.43 -42.16 0.60
C VAL D 77 -10.80 -41.47 0.55
N LEU D 78 -11.77 -41.95 1.35
CA LEU D 78 -13.13 -41.33 1.44
C LEU D 78 -13.03 -39.86 1.86
N TRP D 79 -12.22 -39.53 2.87
CA TRP D 79 -12.02 -38.13 3.36
C TRP D 79 -11.58 -37.21 2.21
N LEU D 80 -10.62 -37.66 1.39
CA LEU D 80 -9.89 -36.82 0.42
C LEU D 80 -10.79 -36.50 -0.78
N ARG D 81 -11.52 -37.47 -1.34
CA ARG D 81 -12.43 -37.27 -2.50
C ARG D 81 -13.46 -36.18 -2.16
N SER D 82 -14.05 -36.26 -0.97
CA SER D 82 -15.09 -35.30 -0.47
C SER D 82 -14.54 -33.87 -0.45
N VAL D 83 -13.29 -33.67 0.00
CA VAL D 83 -12.66 -32.32 0.07
C VAL D 83 -12.50 -31.78 -1.37
N ASP D 84 -11.98 -32.59 -2.28
CA ASP D 84 -11.62 -32.16 -3.65
C ASP D 84 -12.91 -31.81 -4.42
N ARG D 85 -13.96 -32.60 -4.20
CA ARG D 85 -15.30 -32.43 -4.84
C ARG D 85 -15.93 -31.13 -4.34
N SER D 86 -15.89 -30.88 -3.03
CA SER D 86 -16.38 -29.63 -2.37
C SER D 86 -15.70 -28.39 -2.98
N LEU D 87 -14.38 -28.37 -3.10
CA LEU D 87 -13.63 -27.22 -3.69
C LEU D 87 -14.10 -26.99 -5.13
N LEU D 88 -14.27 -28.05 -5.91
CA LEU D 88 -14.83 -28.03 -7.28
C LEU D 88 -16.23 -27.39 -7.28
N LEU D 89 -17.18 -27.94 -6.51
CA LEU D 89 -18.60 -27.52 -6.49
C LEU D 89 -18.71 -26.07 -5.99
N GLN D 90 -17.83 -25.65 -5.08
CA GLN D 90 -17.79 -24.26 -4.54
C GLN D 90 -17.13 -23.32 -5.56
N GLY D 91 -16.56 -23.86 -6.65
CA GLY D 91 -15.97 -23.09 -7.76
C GLY D 91 -14.61 -22.51 -7.41
N TRP D 92 -13.89 -23.08 -6.43
CA TRP D 92 -12.58 -22.57 -5.99
C TRP D 92 -11.46 -23.18 -6.84
N GLN D 93 -11.75 -24.26 -7.57
CA GLN D 93 -10.84 -24.83 -8.59
C GLN D 93 -11.67 -25.26 -9.81
N ASP D 94 -11.04 -25.28 -10.98
CA ASP D 94 -11.64 -25.61 -12.31
C ASP D 94 -11.61 -27.13 -12.51
N GLN D 95 -10.60 -27.81 -11.94
CA GLN D 95 -10.37 -29.27 -12.06
C GLN D 95 -9.92 -29.80 -10.70
N GLY D 96 -10.02 -31.10 -10.49
CA GLY D 96 -9.59 -31.78 -9.26
C GLY D 96 -8.08 -31.68 -9.05
N PHE D 97 -7.64 -31.48 -7.82
CA PHE D 97 -6.20 -31.50 -7.41
C PHE D 97 -5.71 -32.94 -7.35
N ILE D 98 -6.60 -33.87 -7.01
CA ILE D 98 -6.30 -35.33 -6.86
C ILE D 98 -5.82 -35.90 -8.21
N THR D 99 -4.51 -36.12 -8.32
CA THR D 99 -3.81 -36.74 -9.48
C THR D 99 -2.67 -37.61 -8.95
N PRO D 100 -2.13 -38.53 -9.79
CA PRO D 100 -1.04 -39.40 -9.35
C PRO D 100 0.13 -38.63 -8.71
N ALA D 101 0.65 -37.60 -9.39
CA ALA D 101 1.91 -36.90 -9.03
C ALA D 101 1.79 -36.26 -7.64
N ASN D 102 0.59 -35.80 -7.28
CA ASN D 102 0.33 -35.00 -6.05
C ASN D 102 0.27 -35.95 -4.84
N VAL D 103 -0.17 -37.19 -5.05
CA VAL D 103 -0.15 -38.25 -3.99
C VAL D 103 1.31 -38.61 -3.68
N VAL D 104 2.16 -38.73 -4.69
CA VAL D 104 3.62 -38.98 -4.51
C VAL D 104 4.20 -37.86 -3.64
N PHE D 105 3.87 -36.61 -3.98
CA PHE D 105 4.38 -35.40 -3.29
C PHE D 105 3.95 -35.45 -1.82
N LEU D 106 2.68 -35.76 -1.56
CA LEU D 106 2.08 -35.87 -0.19
C LEU D 106 2.92 -36.84 0.66
N TYR D 107 3.24 -38.03 0.12
CA TYR D 107 4.02 -39.07 0.83
C TYR D 107 5.40 -38.53 1.20
N MET D 108 6.04 -37.77 0.31
CA MET D 108 7.37 -37.15 0.58
C MET D 108 7.32 -36.41 1.93
N LEU D 109 6.27 -35.63 2.19
CA LEU D 109 6.07 -34.88 3.47
C LEU D 109 5.93 -35.89 4.62
N CYS D 110 4.93 -36.77 4.51
CA CYS D 110 4.48 -37.71 5.58
C CYS D 110 5.66 -38.53 6.10
N ARG D 111 6.50 -39.05 5.20
CA ARG D 111 7.62 -39.96 5.51
C ARG D 111 8.61 -39.33 6.50
N ASP D 112 8.88 -38.03 6.35
CA ASP D 112 9.87 -37.33 7.22
C ASP D 112 9.17 -36.66 8.40
N VAL D 113 7.87 -36.37 8.30
CA VAL D 113 7.16 -35.48 9.28
C VAL D 113 6.42 -36.31 10.33
N ILE D 114 5.70 -37.37 9.95
CA ILE D 114 4.81 -38.06 10.93
C ILE D 114 5.67 -38.96 11.84
N SER D 115 5.68 -38.66 13.14
CA SER D 115 6.50 -39.30 14.20
C SER D 115 5.61 -40.19 15.09
N ASP D 121 -8.98 -40.55 15.95
CA ASP D 121 -9.25 -39.67 14.78
C ASP D 121 -8.58 -38.30 14.97
N HIS D 122 -8.58 -37.76 16.20
CA HIS D 122 -8.31 -36.33 16.50
C HIS D 122 -6.90 -35.94 16.05
N GLU D 123 -5.87 -36.64 16.53
CA GLU D 123 -4.45 -36.23 16.30
C GLU D 123 -4.07 -36.63 14.87
N LEU D 124 -4.24 -37.90 14.50
CA LEU D 124 -3.60 -38.45 13.26
C LEU D 124 -4.22 -37.79 12.03
N GLN D 125 -5.55 -37.81 11.90
CA GLN D 125 -6.26 -37.35 10.67
C GLN D 125 -5.90 -35.89 10.38
N ALA D 126 -5.92 -35.03 11.40
CA ALA D 126 -5.57 -33.59 11.33
C ALA D 126 -4.28 -33.39 10.54
N VAL D 127 -3.27 -34.25 10.73
CA VAL D 127 -1.94 -34.14 10.07
C VAL D 127 -2.12 -34.41 8.57
N LEU D 128 -2.89 -35.43 8.18
CA LEU D 128 -3.18 -35.76 6.75
C LEU D 128 -3.76 -34.53 6.06
N LEU D 129 -4.81 -33.89 6.62
CA LEU D 129 -5.53 -32.78 5.94
C LEU D 129 -4.73 -31.46 6.07
N THR D 130 -3.69 -31.42 6.92
CA THR D 130 -2.70 -30.31 6.96
C THR D 130 -1.63 -30.55 5.89
N CYS D 131 -1.14 -31.77 5.74
CA CYS D 131 -0.19 -32.15 4.67
C CYS D 131 -0.85 -31.95 3.30
N LEU D 132 -2.15 -32.26 3.17
CA LEU D 132 -2.96 -32.02 1.94
C LEU D 132 -3.00 -30.52 1.61
N TYR D 133 -3.31 -29.68 2.59
CA TYR D 133 -3.38 -28.20 2.45
C TYR D 133 -2.04 -27.67 1.93
N LEU D 134 -0.92 -28.17 2.47
CA LEU D 134 0.44 -27.76 2.04
C LEU D 134 0.71 -28.26 0.62
N SER D 135 0.20 -29.42 0.23
CA SER D 135 0.31 -29.98 -1.14
C SER D 135 -0.44 -29.08 -2.13
N TYR D 136 -1.69 -28.72 -1.80
CA TYR D 136 -2.50 -27.73 -2.57
C TYR D 136 -1.70 -26.43 -2.71
N SER D 137 -1.14 -25.92 -1.60
CA SER D 137 -0.45 -24.62 -1.52
C SER D 137 0.82 -24.63 -2.39
N TYR D 138 1.56 -25.73 -2.42
CA TYR D 138 2.90 -25.80 -3.08
C TYR D 138 2.77 -26.25 -4.54
N MET D 139 1.85 -27.18 -4.85
CA MET D 139 1.76 -27.85 -6.17
C MET D 139 0.44 -27.55 -6.90
N GLY D 140 -0.54 -26.90 -6.25
CA GLY D 140 -1.88 -26.63 -6.84
C GLY D 140 -1.85 -25.66 -8.01
N ASN D 141 -2.81 -25.79 -8.94
CA ASN D 141 -2.93 -24.98 -10.18
C ASN D 141 -3.44 -23.58 -9.87
N GLU D 142 -4.19 -23.40 -8.77
CA GLU D 142 -4.80 -22.11 -8.37
C GLU D 142 -3.81 -21.38 -7.47
N ILE D 143 -3.81 -20.05 -7.46
CA ILE D 143 -2.76 -19.26 -6.75
C ILE D 143 -3.00 -19.38 -5.25
N SER D 144 -4.21 -19.72 -4.80
CA SER D 144 -4.57 -19.84 -3.36
C SER D 144 -5.78 -20.77 -3.16
N TYR D 145 -5.96 -21.29 -1.94
CA TYR D 145 -7.07 -22.19 -1.55
C TYR D 145 -7.65 -21.77 -0.22
N PRO D 146 -8.99 -21.83 -0.06
CA PRO D 146 -9.64 -21.42 1.18
C PRO D 146 -9.48 -22.49 2.28
N LEU D 147 -9.59 -22.06 3.54
CA LEU D 147 -9.23 -22.88 4.74
C LEU D 147 -10.37 -23.85 5.09
N LYS D 148 -11.62 -23.42 4.98
CA LYS D 148 -12.80 -24.06 5.64
C LYS D 148 -12.81 -25.58 5.40
N PRO D 149 -12.74 -26.09 4.15
CA PRO D 149 -12.82 -27.54 3.92
C PRO D 149 -11.66 -28.37 4.49
N PHE D 150 -10.55 -27.74 4.87
CA PHE D 150 -9.32 -28.41 5.36
C PHE D 150 -9.25 -28.41 6.89
N LEU D 151 -10.14 -27.64 7.55
CA LEU D 151 -10.01 -27.29 9.00
C LEU D 151 -10.77 -28.32 9.86
N VAL D 152 -10.07 -28.99 10.76
CA VAL D 152 -10.50 -30.24 11.44
C VAL D 152 -10.85 -29.93 12.91
N GLU D 153 -9.93 -29.24 13.61
CA GLU D 153 -10.03 -28.89 15.06
C GLU D 153 -10.29 -27.39 15.21
N SER D 154 -10.84 -26.99 16.35
CA SER D 154 -11.15 -25.58 16.69
C SER D 154 -9.86 -24.81 17.04
N CYS D 155 -8.83 -25.50 17.56
CA CYS D 155 -7.56 -24.93 18.07
C CYS D 155 -6.61 -24.55 16.91
N LYS D 156 -6.59 -23.26 16.55
CA LYS D 156 -5.97 -22.77 15.29
C LYS D 156 -4.45 -22.76 15.40
N GLU D 157 -3.87 -22.16 16.45
CA GLU D 157 -2.42 -21.85 16.48
C GLU D 157 -1.61 -23.16 16.46
N ALA D 158 -2.18 -24.31 16.81
CA ALA D 158 -1.57 -25.65 16.64
C ALA D 158 -1.53 -26.00 15.15
N PHE D 159 -2.68 -25.86 14.48
CA PHE D 159 -2.90 -26.18 13.04
C PHE D 159 -1.87 -25.44 12.18
N TRP D 160 -1.74 -24.12 12.37
CA TRP D 160 -0.83 -23.27 11.57
C TRP D 160 0.64 -23.61 11.91
N ASP D 161 0.97 -23.75 13.19
CA ASP D 161 2.38 -23.69 13.67
C ASP D 161 3.13 -24.96 13.26
N ARG D 162 2.45 -26.09 13.06
CA ARG D 162 3.07 -27.34 12.54
C ARG D 162 3.54 -27.11 11.10
N CYS D 163 2.77 -26.36 10.30
CA CYS D 163 3.15 -25.94 8.93
C CYS D 163 4.57 -25.38 8.95
N LEU D 164 4.90 -24.44 9.85
CA LEU D 164 6.22 -23.74 9.88
C LEU D 164 7.32 -24.74 10.24
N SER D 165 7.07 -25.65 11.17
CA SER D 165 8.01 -26.74 11.55
C SER D 165 8.28 -27.64 10.34
N VAL D 166 7.25 -28.10 9.64
CA VAL D 166 7.37 -28.94 8.42
C VAL D 166 8.22 -28.19 7.39
N ILE D 167 7.90 -26.92 7.11
CA ILE D 167 8.62 -26.08 6.11
C ILE D 167 10.10 -26.00 6.49
N ASN D 168 10.42 -25.76 7.77
CA ASN D 168 11.82 -25.63 8.24
C ASN D 168 12.57 -26.95 8.00
N LEU D 169 11.90 -28.09 8.20
CA LEU D 169 12.50 -29.44 7.96
C LEU D 169 12.62 -29.72 6.45
N MET D 170 11.59 -29.39 5.67
CA MET D 170 11.36 -30.04 4.34
C MET D 170 11.56 -29.09 3.16
N SER D 171 11.78 -27.79 3.34
CA SER D 171 11.78 -26.78 2.24
C SER D 171 12.81 -27.17 1.18
N SER D 172 13.97 -27.66 1.60
CA SER D 172 15.08 -28.11 0.70
C SER D 172 14.60 -29.29 -0.17
N LYS D 173 13.98 -30.30 0.44
CA LYS D 173 13.56 -31.55 -0.29
C LYS D 173 12.33 -31.23 -1.15
N MET D 174 11.50 -30.29 -0.73
CA MET D 174 10.30 -29.85 -1.51
C MET D 174 10.74 -29.26 -2.85
N LEU D 175 11.86 -28.53 -2.89
CA LEU D 175 12.42 -28.00 -4.15
C LEU D 175 13.15 -29.12 -4.89
N GLN D 176 13.91 -29.96 -4.17
CA GLN D 176 14.77 -31.02 -4.77
C GLN D 176 13.93 -32.06 -5.52
N ILE D 177 12.76 -32.46 -5.00
CA ILE D 177 11.87 -33.46 -5.67
C ILE D 177 11.41 -32.91 -7.02
N ASN D 178 11.34 -31.58 -7.17
CA ASN D 178 11.01 -30.89 -8.44
C ASN D 178 12.26 -30.78 -9.31
N ALA D 179 13.39 -30.34 -8.75
CA ALA D 179 14.64 -30.07 -9.47
C ALA D 179 15.31 -31.39 -9.93
N ASP D 180 15.02 -32.50 -9.25
CA ASP D 180 15.71 -33.80 -9.45
C ASP D 180 14.68 -34.88 -9.79
N PRO D 181 14.42 -35.15 -11.08
CA PRO D 181 13.48 -36.19 -11.49
C PRO D 181 13.81 -37.59 -10.94
N HIS D 182 15.10 -37.89 -10.73
CA HIS D 182 15.58 -39.15 -10.10
C HIS D 182 15.00 -39.28 -8.69
N TYR D 183 14.91 -38.18 -7.93
CA TYR D 183 14.37 -38.13 -6.55
C TYR D 183 12.86 -38.42 -6.58
N PHE D 184 12.13 -37.79 -7.52
CA PHE D 184 10.69 -38.04 -7.73
C PHE D 184 10.45 -39.54 -7.97
N THR D 185 11.22 -40.16 -8.88
CA THR D 185 11.07 -41.60 -9.23
C THR D 185 11.35 -42.48 -8.00
N GLN D 186 12.41 -42.18 -7.24
CA GLN D 186 12.77 -42.86 -5.97
C GLN D 186 11.56 -42.84 -5.00
N VAL D 187 10.96 -41.68 -4.78
CA VAL D 187 9.80 -41.50 -3.86
C VAL D 187 8.61 -42.30 -4.40
N PHE D 188 8.34 -42.21 -5.73
CA PHE D 188 7.23 -42.92 -6.42
C PHE D 188 7.39 -44.43 -6.23
N SER D 189 8.59 -44.96 -6.47
CA SER D 189 8.94 -46.39 -6.29
C SER D 189 8.69 -46.81 -4.84
N ASP D 190 9.15 -46.00 -3.87
CA ASP D 190 8.99 -46.29 -2.42
C ASP D 190 7.49 -46.39 -2.09
N LEU D 191 6.66 -45.48 -2.62
CA LEU D 191 5.20 -45.48 -2.33
C LEU D 191 4.58 -46.76 -2.88
N LYS D 192 4.89 -47.12 -4.14
CA LYS D 192 4.40 -48.34 -4.81
C LYS D 192 4.73 -49.57 -3.94
N ASN D 193 5.95 -49.62 -3.39
CA ASN D 193 6.48 -50.78 -2.61
C ASN D 193 5.95 -50.77 -1.17
N GLU D 194 5.03 -49.88 -0.79
CA GLU D 194 4.56 -49.70 0.62
C GLU D 194 3.68 -50.88 1.05
N SER D 195 2.90 -51.46 0.13
CA SER D 195 1.95 -52.57 0.44
C SER D 195 2.70 -53.90 0.36
#